data_1G6U
# 
_entry.id   1G6U 
# 
_audit_conform.dict_name       mmcif_pdbx.dic 
_audit_conform.dict_version    5.385 
_audit_conform.dict_location   http://mmcif.pdb.org/dictionaries/ascii/mmcif_pdbx.dic 
# 
loop_
_database_2.database_id 
_database_2.database_code 
_database_2.pdbx_database_accession 
_database_2.pdbx_DOI 
PDB   1G6U         pdb_00001g6u 10.2210/pdb1g6u/pdb 
RCSB  RCSB012306   ?            ?                   
WWPDB D_1000012306 ?            ?                   
# 
loop_
_pdbx_audit_revision_history.ordinal 
_pdbx_audit_revision_history.data_content_type 
_pdbx_audit_revision_history.major_revision 
_pdbx_audit_revision_history.minor_revision 
_pdbx_audit_revision_history.revision_date 
1 'Structure model' 1 0 2001-02-21 
2 'Structure model' 1 1 2008-04-27 
3 'Structure model' 1 2 2011-07-13 
4 'Structure model' 1 3 2024-02-07 
# 
_pdbx_audit_revision_details.ordinal             1 
_pdbx_audit_revision_details.revision_ordinal    1 
_pdbx_audit_revision_details.data_content_type   'Structure model' 
_pdbx_audit_revision_details.provider            repository 
_pdbx_audit_revision_details.type                'Initial release' 
_pdbx_audit_revision_details.description         ? 
_pdbx_audit_revision_details.details             ? 
# 
loop_
_pdbx_audit_revision_group.ordinal 
_pdbx_audit_revision_group.revision_ordinal 
_pdbx_audit_revision_group.data_content_type 
_pdbx_audit_revision_group.group 
1 2 'Structure model' 'Version format compliance' 
2 3 'Structure model' 'Non-polymer description'   
3 3 'Structure model' 'Version format compliance' 
4 4 'Structure model' 'Data collection'           
5 4 'Structure model' 'Database references'       
6 4 'Structure model' 'Derived calculations'      
# 
loop_
_pdbx_audit_revision_category.ordinal 
_pdbx_audit_revision_category.revision_ordinal 
_pdbx_audit_revision_category.data_content_type 
_pdbx_audit_revision_category.category 
1 4 'Structure model' chem_comp_atom 
2 4 'Structure model' chem_comp_bond 
3 4 'Structure model' database_2     
4 4 'Structure model' struct_site    
# 
loop_
_pdbx_audit_revision_item.ordinal 
_pdbx_audit_revision_item.revision_ordinal 
_pdbx_audit_revision_item.data_content_type 
_pdbx_audit_revision_item.item 
1 4 'Structure model' '_database_2.pdbx_DOI'                
2 4 'Structure model' '_database_2.pdbx_database_accession' 
3 4 'Structure model' '_struct_site.pdbx_auth_asym_id'      
4 4 'Structure model' '_struct_site.pdbx_auth_comp_id'      
5 4 'Structure model' '_struct_site.pdbx_auth_seq_id'       
# 
_pdbx_database_status.status_code                     REL 
_pdbx_database_status.entry_id                        1G6U 
_pdbx_database_status.recvd_initial_deposition_date   2000-11-07 
_pdbx_database_status.deposit_site                    RCSB 
_pdbx_database_status.process_site                    RCSB 
_pdbx_database_status.status_code_sf                  REL 
_pdbx_database_status.SG_entry                        . 
_pdbx_database_status.pdb_format_compatible           Y 
_pdbx_database_status.status_code_mr                  ? 
_pdbx_database_status.status_code_cs                  ? 
_pdbx_database_status.status_code_nmr_data            ? 
_pdbx_database_status.methods_development_category    ? 
# 
loop_
_audit_author.name 
_audit_author.pdbx_ordinal 
'Ogihara, N.L.' 1 
'Ghirlanda, G.' 2 
'Bryson, J.W.'  3 
'Gingery, M.'   4 
'DeGrado, W.F.' 5 
'Eisenberg, D.' 6 
# 
_citation.id                        primary 
_citation.title                     'Design of three-dimensional domain-swapped dimers and fibrous oligomers.' 
_citation.journal_abbrev            Proc.Natl.Acad.Sci.USA 
_citation.journal_volume            98 
_citation.page_first                1404 
_citation.page_last                 1409 
_citation.year                      2001 
_citation.journal_id_ASTM           PNASA6 
_citation.country                   US 
_citation.journal_id_ISSN           0027-8424 
_citation.journal_id_CSD            0040 
_citation.book_publisher            ? 
_citation.pdbx_database_id_PubMed   11171963 
_citation.pdbx_database_id_DOI      10.1073/pnas.98.4.1404 
# 
loop_
_citation_author.citation_id 
_citation_author.name 
_citation_author.ordinal 
_citation_author.identifier_ORCID 
primary 'Ogihara, N.L.' 1 ? 
primary 'Ghirlanda, G.' 2 ? 
primary 'Bryson, J.W.'  3 ? 
primary 'Gingery, M.'   4 ? 
primary 'DeGrado, W.F.' 5 ? 
primary 'Eisenberg, D.' 6 ? 
# 
loop_
_entity.id 
_entity.type 
_entity.src_method 
_entity.pdbx_description 
_entity.formula_weight 
_entity.pdbx_number_of_molecules 
_entity.pdbx_ec 
_entity.pdbx_mutation 
_entity.pdbx_fragment 
_entity.details 
1 polymer     syn 'DOMAIN SWAPPED DIMER' 5131.009 2  ? ? ? ? 
2 non-polymer syn 'SULFATE ION'          96.063   1  ? ? ? ? 
3 non-polymer syn 'trifluoroacetic acid' 114.023  1  ? ? ? ? 
4 water       nat water                  18.015   85 ? ? ? ? 
# 
_entity_poly.entity_id                      1 
_entity_poly.type                           'polypeptide(L)' 
_entity_poly.nstd_linkage                   no 
_entity_poly.nstd_monomer                   no 
_entity_poly.pdbx_seq_one_letter_code       SLAALKSELQALKKEGFSPEELAALESELQALEKKLAALKSKLQALKG 
_entity_poly.pdbx_seq_one_letter_code_can   SLAALKSELQALKKEGFSPEELAALESELQALEKKLAALKSKLQALKG 
_entity_poly.pdbx_strand_id                 A,B 
_entity_poly.pdbx_target_identifier         ? 
# 
loop_
_pdbx_entity_nonpoly.entity_id 
_pdbx_entity_nonpoly.name 
_pdbx_entity_nonpoly.comp_id 
2 'SULFATE ION'          SO4 
3 'trifluoroacetic acid' TFA 
4 water                  HOH 
# 
loop_
_entity_poly_seq.entity_id 
_entity_poly_seq.num 
_entity_poly_seq.mon_id 
_entity_poly_seq.hetero 
1 1  SER n 
1 2  LEU n 
1 3  ALA n 
1 4  ALA n 
1 5  LEU n 
1 6  LYS n 
1 7  SER n 
1 8  GLU n 
1 9  LEU n 
1 10 GLN n 
1 11 ALA n 
1 12 LEU n 
1 13 LYS n 
1 14 LYS n 
1 15 GLU n 
1 16 GLY n 
1 17 PHE n 
1 18 SER n 
1 19 PRO n 
1 20 GLU n 
1 21 GLU n 
1 22 LEU n 
1 23 ALA n 
1 24 ALA n 
1 25 LEU n 
1 26 GLU n 
1 27 SER n 
1 28 GLU n 
1 29 LEU n 
1 30 GLN n 
1 31 ALA n 
1 32 LEU n 
1 33 GLU n 
1 34 LYS n 
1 35 LYS n 
1 36 LEU n 
1 37 ALA n 
1 38 ALA n 
1 39 LEU n 
1 40 LYS n 
1 41 SER n 
1 42 LYS n 
1 43 LEU n 
1 44 GLN n 
1 45 ALA n 
1 46 LEU n 
1 47 LYS n 
1 48 GLY n 
# 
_pdbx_entity_src_syn.entity_id              1 
_pdbx_entity_src_syn.pdbx_src_id            1 
_pdbx_entity_src_syn.pdbx_alt_source_flag   sample 
_pdbx_entity_src_syn.pdbx_beg_seq_num       ? 
_pdbx_entity_src_syn.pdbx_end_seq_num       ? 
_pdbx_entity_src_syn.organism_scientific    ? 
_pdbx_entity_src_syn.organism_common_name   ? 
_pdbx_entity_src_syn.ncbi_taxonomy_id       ? 
_pdbx_entity_src_syn.details                'The peptide was chemically synthesized.' 
# 
loop_
_chem_comp.id 
_chem_comp.type 
_chem_comp.mon_nstd_flag 
_chem_comp.name 
_chem_comp.pdbx_synonyms 
_chem_comp.formula 
_chem_comp.formula_weight 
ALA 'L-peptide linking' y ALANINE                ? 'C3 H7 N O2'     89.093  
GLN 'L-peptide linking' y GLUTAMINE              ? 'C5 H10 N2 O3'   146.144 
GLU 'L-peptide linking' y 'GLUTAMIC ACID'        ? 'C5 H9 N O4'     147.129 
GLY 'peptide linking'   y GLYCINE                ? 'C2 H5 N O2'     75.067  
HOH non-polymer         . WATER                  ? 'H2 O'           18.015  
LEU 'L-peptide linking' y LEUCINE                ? 'C6 H13 N O2'    131.173 
LYS 'L-peptide linking' y LYSINE                 ? 'C6 H15 N2 O2 1' 147.195 
PHE 'L-peptide linking' y PHENYLALANINE          ? 'C9 H11 N O2'    165.189 
PRO 'L-peptide linking' y PROLINE                ? 'C5 H9 N O2'     115.130 
SER 'L-peptide linking' y SERINE                 ? 'C3 H7 N O3'     105.093 
SO4 non-polymer         . 'SULFATE ION'          ? 'O4 S -2'        96.063  
TFA non-polymer         . 'trifluoroacetic acid' ? 'C2 H F3 O2'     114.023 
# 
loop_
_pdbx_poly_seq_scheme.asym_id 
_pdbx_poly_seq_scheme.entity_id 
_pdbx_poly_seq_scheme.seq_id 
_pdbx_poly_seq_scheme.mon_id 
_pdbx_poly_seq_scheme.ndb_seq_num 
_pdbx_poly_seq_scheme.pdb_seq_num 
_pdbx_poly_seq_scheme.auth_seq_num 
_pdbx_poly_seq_scheme.pdb_mon_id 
_pdbx_poly_seq_scheme.auth_mon_id 
_pdbx_poly_seq_scheme.pdb_strand_id 
_pdbx_poly_seq_scheme.pdb_ins_code 
_pdbx_poly_seq_scheme.hetero 
A 1 1  SER 1  1  1  SER SER A . n 
A 1 2  LEU 2  2  2  LEU LEU A . n 
A 1 3  ALA 3  3  3  ALA ALA A . n 
A 1 4  ALA 4  4  4  ALA ALA A . n 
A 1 5  LEU 5  5  5  LEU LEU A . n 
A 1 6  LYS 6  6  6  LYS LYS A . n 
A 1 7  SER 7  7  7  SER SER A . n 
A 1 8  GLU 8  8  8  GLU GLU A . n 
A 1 9  LEU 9  9  9  LEU LEU A . n 
A 1 10 GLN 10 10 10 GLN GLN A . n 
A 1 11 ALA 11 11 11 ALA ALA A . n 
A 1 12 LEU 12 12 12 LEU LEU A . n 
A 1 13 LYS 13 13 13 LYS LYS A . n 
A 1 14 LYS 14 14 14 LYS LYS A . n 
A 1 15 GLU 15 15 15 GLU GLU A . n 
A 1 16 GLY 16 16 16 GLY GLY A . n 
A 1 17 PHE 17 17 17 PHE PHE A . n 
A 1 18 SER 18 18 18 SER SER A . n 
A 1 19 PRO 19 19 19 PRO PRO A . n 
A 1 20 GLU 20 20 20 GLU GLU A . n 
A 1 21 GLU 21 21 21 GLU GLU A . n 
A 1 22 LEU 22 22 22 LEU LEU A . n 
A 1 23 ALA 23 23 23 ALA ALA A . n 
A 1 24 ALA 24 24 24 ALA ALA A . n 
A 1 25 LEU 25 25 25 LEU LEU A . n 
A 1 26 GLU 26 26 26 GLU GLU A . n 
A 1 27 SER 27 27 27 SER SER A . n 
A 1 28 GLU 28 28 28 GLU GLU A . n 
A 1 29 LEU 29 29 29 LEU LEU A . n 
A 1 30 GLN 30 30 30 GLN GLN A . n 
A 1 31 ALA 31 31 31 ALA ALA A . n 
A 1 32 LEU 32 32 32 LEU LEU A . n 
A 1 33 GLU 33 33 33 GLU GLU A . n 
A 1 34 LYS 34 34 34 LYS LYS A . n 
A 1 35 LYS 35 35 35 LYS LYS A . n 
A 1 36 LEU 36 36 36 LEU LEU A . n 
A 1 37 ALA 37 37 37 ALA ALA A . n 
A 1 38 ALA 38 38 38 ALA ALA A . n 
A 1 39 LEU 39 39 39 LEU LEU A . n 
A 1 40 LYS 40 40 40 LYS LYS A . n 
A 1 41 SER 41 41 41 SER SER A . n 
A 1 42 LYS 42 42 42 LYS LYS A . n 
A 1 43 LEU 43 43 43 LEU LEU A . n 
A 1 44 GLN 44 44 44 GLN GLN A . n 
A 1 45 ALA 45 45 45 ALA ALA A . n 
A 1 46 LEU 46 46 46 LEU LEU A . n 
A 1 47 LYS 47 47 47 LYS LYS A . n 
A 1 48 GLY 48 48 48 GLY GLY A . n 
B 1 1  SER 1  1  1  SER SER B . n 
B 1 2  LEU 2  2  2  LEU LEU B . n 
B 1 3  ALA 3  3  3  ALA ALA B . n 
B 1 4  ALA 4  4  4  ALA ALA B . n 
B 1 5  LEU 5  5  5  LEU LEU B . n 
B 1 6  LYS 6  6  6  LYS LYS B . n 
B 1 7  SER 7  7  7  SER SER B . n 
B 1 8  GLU 8  8  8  GLU GLU B . n 
B 1 9  LEU 9  9  9  LEU LEU B . n 
B 1 10 GLN 10 10 10 GLN GLN B . n 
B 1 11 ALA 11 11 11 ALA ALA B . n 
B 1 12 LEU 12 12 12 LEU LEU B . n 
B 1 13 LYS 13 13 13 LYS LYS B . n 
B 1 14 LYS 14 14 14 LYS LYS B . n 
B 1 15 GLU 15 15 15 GLU GLU B . n 
B 1 16 GLY 16 16 16 GLY GLY B . n 
B 1 17 PHE 17 17 17 PHE PHE B . n 
B 1 18 SER 18 18 18 SER SER B . n 
B 1 19 PRO 19 19 19 PRO PRO B . n 
B 1 20 GLU 20 20 20 GLU GLU B . n 
B 1 21 GLU 21 21 21 GLU GLU B . n 
B 1 22 LEU 22 22 22 LEU LEU B . n 
B 1 23 ALA 23 23 23 ALA ALA B . n 
B 1 24 ALA 24 24 24 ALA ALA B . n 
B 1 25 LEU 25 25 25 LEU LEU B . n 
B 1 26 GLU 26 26 26 GLU GLU B . n 
B 1 27 SER 27 27 27 SER SER B . n 
B 1 28 GLU 28 28 28 GLU GLU B . n 
B 1 29 LEU 29 29 29 LEU LEU B . n 
B 1 30 GLN 30 30 30 GLN GLN B . n 
B 1 31 ALA 31 31 31 ALA ALA B . n 
B 1 32 LEU 32 32 32 LEU LEU B . n 
B 1 33 GLU 33 33 33 GLU GLU B . n 
B 1 34 LYS 34 34 34 LYS LYS B . n 
B 1 35 LYS 35 35 35 LYS LYS B . n 
B 1 36 LEU 36 36 36 LEU LEU B . n 
B 1 37 ALA 37 37 37 ALA ALA B . n 
B 1 38 ALA 38 38 38 ALA ALA B . n 
B 1 39 LEU 39 39 39 LEU LEU B . n 
B 1 40 LYS 40 40 40 LYS LYS B . n 
B 1 41 SER 41 41 41 SER SER B . n 
B 1 42 LYS 42 42 42 LYS LYS B . n 
B 1 43 LEU 43 43 43 LEU LEU B . n 
B 1 44 GLN 44 44 44 GLN GLN B . n 
B 1 45 ALA 45 45 45 ALA ALA B . n 
B 1 46 LEU 46 46 46 LEU LEU B . n 
B 1 47 LYS 47 47 47 LYS LYS B . n 
B 1 48 GLY 48 48 48 GLY GLY B . n 
# 
loop_
_pdbx_nonpoly_scheme.asym_id 
_pdbx_nonpoly_scheme.entity_id 
_pdbx_nonpoly_scheme.mon_id 
_pdbx_nonpoly_scheme.ndb_seq_num 
_pdbx_nonpoly_scheme.pdb_seq_num 
_pdbx_nonpoly_scheme.auth_seq_num 
_pdbx_nonpoly_scheme.pdb_mon_id 
_pdbx_nonpoly_scheme.auth_mon_id 
_pdbx_nonpoly_scheme.pdb_strand_id 
_pdbx_nonpoly_scheme.pdb_ins_code 
C 2 SO4 1  201 201 SO4 SO4 B . 
D 3 TFA 1  200 200 TFA TFA B . 
E 4 HOH 1  101 101 HOH HOH A . 
E 4 HOH 2  102 102 HOH HOH A . 
E 4 HOH 3  104 104 HOH HOH A . 
E 4 HOH 4  105 105 HOH HOH A . 
E 4 HOH 5  107 107 HOH HOH A . 
E 4 HOH 6  108 108 HOH HOH A . 
E 4 HOH 7  110 110 HOH HOH A . 
E 4 HOH 8  111 111 HOH HOH A . 
E 4 HOH 9  112 112 HOH HOH A . 
E 4 HOH 10 113 113 HOH HOH A . 
E 4 HOH 11 115 115 HOH HOH A . 
E 4 HOH 12 116 116 HOH HOH A . 
E 4 HOH 13 117 117 HOH HOH A . 
E 4 HOH 14 118 118 HOH HOH A . 
E 4 HOH 15 120 120 HOH HOH A . 
E 4 HOH 16 124 124 HOH HOH A . 
E 4 HOH 17 128 128 HOH HOH A . 
E 4 HOH 18 129 129 HOH HOH A . 
E 4 HOH 19 130 130 HOH HOH A . 
E 4 HOH 20 131 131 HOH HOH A . 
E 4 HOH 21 134 134 HOH HOH A . 
E 4 HOH 22 135 135 HOH HOH A . 
E 4 HOH 23 138 138 HOH HOH A . 
E 4 HOH 24 139 139 HOH HOH A . 
E 4 HOH 25 140 140 HOH HOH A . 
E 4 HOH 26 143 143 HOH HOH A . 
E 4 HOH 27 144 144 HOH HOH A . 
E 4 HOH 28 148 148 HOH HOH A . 
E 4 HOH 29 150 150 HOH HOH A . 
E 4 HOH 30 151 151 HOH HOH A . 
E 4 HOH 31 152 152 HOH HOH A . 
E 4 HOH 32 153 153 HOH HOH A . 
E 4 HOH 33 154 154 HOH HOH A . 
E 4 HOH 34 155 155 HOH HOH A . 
E 4 HOH 35 157 157 HOH HOH A . 
E 4 HOH 36 159 159 HOH HOH A . 
E 4 HOH 37 161 161 HOH HOH A . 
E 4 HOH 38 164 164 HOH HOH A . 
E 4 HOH 39 165 165 HOH HOH A . 
E 4 HOH 40 167 167 HOH HOH A . 
E 4 HOH 41 170 170 HOH HOH A . 
E 4 HOH 42 172 172 HOH HOH A . 
E 4 HOH 43 173 173 HOH HOH A . 
E 4 HOH 44 178 178 HOH HOH A . 
E 4 HOH 45 179 179 HOH HOH A . 
E 4 HOH 46 180 180 HOH HOH A . 
E 4 HOH 47 181 181 HOH HOH A . 
E 4 HOH 48 182 182 HOH HOH A . 
E 4 HOH 49 183 183 HOH HOH A . 
F 4 HOH 1  103 103 HOH HOH B . 
F 4 HOH 2  106 106 HOH HOH B . 
F 4 HOH 3  109 109 HOH HOH B . 
F 4 HOH 4  114 114 HOH HOH B . 
F 4 HOH 5  119 119 HOH HOH B . 
F 4 HOH 6  121 121 HOH HOH B . 
F 4 HOH 7  122 122 HOH HOH B . 
F 4 HOH 8  123 123 HOH HOH B . 
F 4 HOH 9  125 125 HOH HOH B . 
F 4 HOH 10 126 126 HOH HOH B . 
F 4 HOH 11 127 127 HOH HOH B . 
F 4 HOH 12 132 132 HOH HOH B . 
F 4 HOH 13 133 133 HOH HOH B . 
F 4 HOH 14 136 136 HOH HOH B . 
F 4 HOH 15 137 137 HOH HOH B . 
F 4 HOH 16 141 141 HOH HOH B . 
F 4 HOH 17 142 142 HOH HOH B . 
F 4 HOH 18 145 145 HOH HOH B . 
F 4 HOH 19 146 146 HOH HOH B . 
F 4 HOH 20 147 147 HOH HOH B . 
F 4 HOH 21 149 149 HOH HOH B . 
F 4 HOH 22 156 156 HOH HOH B . 
F 4 HOH 23 158 158 HOH HOH B . 
F 4 HOH 24 160 160 HOH HOH B . 
F 4 HOH 25 162 162 HOH HOH B . 
F 4 HOH 26 163 163 HOH HOH B . 
F 4 HOH 27 166 166 HOH HOH B . 
F 4 HOH 28 168 168 HOH HOH B . 
F 4 HOH 29 169 169 HOH HOH B . 
F 4 HOH 30 171 171 HOH HOH B . 
F 4 HOH 31 174 174 HOH HOH B . 
F 4 HOH 32 175 175 HOH HOH B . 
F 4 HOH 33 176 176 HOH HOH B . 
F 4 HOH 34 177 177 HOH HOH B . 
F 4 HOH 35 184 184 HOH HOH B . 
F 4 HOH 36 185 185 HOH HOH B . 
# 
loop_
_pdbx_unobs_or_zero_occ_atoms.id 
_pdbx_unobs_or_zero_occ_atoms.PDB_model_num 
_pdbx_unobs_or_zero_occ_atoms.polymer_flag 
_pdbx_unobs_or_zero_occ_atoms.occupancy_flag 
_pdbx_unobs_or_zero_occ_atoms.auth_asym_id 
_pdbx_unobs_or_zero_occ_atoms.auth_comp_id 
_pdbx_unobs_or_zero_occ_atoms.auth_seq_id 
_pdbx_unobs_or_zero_occ_atoms.PDB_ins_code 
_pdbx_unobs_or_zero_occ_atoms.auth_atom_id 
_pdbx_unobs_or_zero_occ_atoms.label_alt_id 
_pdbx_unobs_or_zero_occ_atoms.label_asym_id 
_pdbx_unobs_or_zero_occ_atoms.label_comp_id 
_pdbx_unobs_or_zero_occ_atoms.label_seq_id 
_pdbx_unobs_or_zero_occ_atoms.label_atom_id 
1 1 Y 1 A GLY 48  ? O  ? A GLY 48 O  
2 1 N 1 B SO4 201 ? O1 ? C SO4 1  O1 
3 1 N 1 B SO4 201 ? O3 ? C SO4 1  O3 
# 
loop_
_software.name 
_software.classification 
_software.version 
_software.citation_id 
_software.pdbx_ordinal 
DM        'model building' .     ? 1 
X-PLOR    refinement       3.820 ? 2 
DENZO     'data reduction' .     ? 3 
SCALEPACK 'data scaling'   .     ? 4 
DM        phasing          .     ? 5 
# 
_cell.entry_id           1G6U 
_cell.length_a           64.040 
_cell.length_b           64.040 
_cell.length_c           64.040 
_cell.angle_alpha        90.00 
_cell.angle_beta         90.00 
_cell.angle_gamma        90.00 
_cell.Z_PDB              24 
_cell.pdbx_unique_axis   ? 
# 
_symmetry.entry_id                         1G6U 
_symmetry.space_group_name_H-M             'P 21 3' 
_symmetry.pdbx_full_space_group_name_H-M   ? 
_symmetry.cell_setting                     ? 
_symmetry.Int_Tables_number                198 
# 
_exptl.entry_id          1G6U 
_exptl.method            'X-RAY DIFFRACTION' 
_exptl.crystals_number   1 
# 
_exptl_crystal.id                    1 
_exptl_crystal.density_meas          ? 
_exptl_crystal.density_Matthews      2.13 
_exptl_crystal.density_percent_sol   42.32 
_exptl_crystal.description           ? 
# 
_exptl_crystal_grow.crystal_id      1 
_exptl_crystal_grow.method          'VAPOR DIFFUSION' 
_exptl_crystal_grow.temp            298 
_exptl_crystal_grow.temp_details    ? 
_exptl_crystal_grow.pH              6.5 
_exptl_crystal_grow.pdbx_details    
;100 mM MES, pH 6.5,  
100 mM NaCl, 
2.6 M ammonium sulfate, 
1% dioxane, VAPOR DIFFUSION, temperature 298K
;
_exptl_crystal_grow.pdbx_pH_range   . 
# 
_diffrn.id                     1 
_diffrn.ambient_temp           298 
_diffrn.ambient_temp_details   ? 
_diffrn.crystal_id             1 
# 
_diffrn_detector.diffrn_id              1 
_diffrn_detector.detector               'IMAGE PLATE' 
_diffrn_detector.type                   'RIGAKU RAXIS IIC' 
_diffrn_detector.pdbx_collection_date   ? 
_diffrn_detector.details                mirrors 
# 
_diffrn_radiation.diffrn_id                        1 
_diffrn_radiation.wavelength_id                    1 
_diffrn_radiation.pdbx_monochromatic_or_laue_m_l   M 
_diffrn_radiation.monochromator                    mirrors 
_diffrn_radiation.pdbx_diffrn_protocol             'SINGLE WAVELENGTH' 
_diffrn_radiation.pdbx_scattering_type             x-ray 
# 
_diffrn_radiation_wavelength.id           1 
_diffrn_radiation_wavelength.wavelength   0.975 
_diffrn_radiation_wavelength.wt           1.0 
# 
_diffrn_source.diffrn_id                   1 
_diffrn_source.source                      SYNCHROTRON 
_diffrn_source.type                        'NSLS BEAMLINE X12B' 
_diffrn_source.pdbx_synchrotron_site       NSLS 
_diffrn_source.pdbx_synchrotron_beamline   X12B 
_diffrn_source.pdbx_wavelength             ? 
_diffrn_source.pdbx_wavelength_list        0.975 
# 
_reflns.entry_id                     1G6U 
_reflns.observed_criterion_sigma_I   0.0 
_reflns.observed_criterion_sigma_F   0.0 
_reflns.d_resolution_low             30.00 
_reflns.d_resolution_high            1.48 
_reflns.number_obs                   14554 
_reflns.number_all                   14554 
_reflns.percent_possible_obs         97.9 
_reflns.pdbx_Rmerge_I_obs            0.0820000 
_reflns.pdbx_Rsym_value              ? 
_reflns.pdbx_netI_over_sigmaI        ? 
_reflns.B_iso_Wilson_estimate        17.5 
_reflns.pdbx_redundancy              5.5 
_reflns.R_free_details               ? 
_reflns.limit_h_max                  ? 
_reflns.limit_h_min                  ? 
_reflns.limit_k_max                  ? 
_reflns.limit_k_min                  ? 
_reflns.limit_l_max                  ? 
_reflns.limit_l_min                  ? 
_reflns.observed_criterion_F_max     ? 
_reflns.observed_criterion_F_min     ? 
_reflns.pdbx_ordinal                 1 
_reflns.pdbx_diffrn_id               1 
# 
_reflns_shell.d_res_high             1.48 
_reflns_shell.d_res_low              1.57 
_reflns_shell.percent_possible_all   88 
_reflns_shell.Rmerge_I_obs           0.2890000 
_reflns_shell.pdbx_Rsym_value        ? 
_reflns_shell.meanI_over_sigI_obs    ? 
_reflns_shell.pdbx_redundancy        ? 
_reflns_shell.percent_possible_obs   ? 
_reflns_shell.number_unique_all      2129 
_reflns_shell.pdbx_ordinal           1 
_reflns_shell.pdbx_diffrn_id         1 
# 
_refine.entry_id                                 1G6U 
_refine.ls_number_reflns_obs                     14554 
_refine.ls_number_reflns_all                     14554 
_refine.pdbx_ls_sigma_I                          0.0 
_refine.pdbx_ls_sigma_F                          0.0 
_refine.pdbx_data_cutoff_high_absF               10000000.00 
_refine.pdbx_data_cutoff_low_absF                0.00 
_refine.ls_d_res_low                             30.00 
_refine.ls_d_res_high                            1.48 
_refine.ls_percent_reflns_obs                    97.9 
_refine.ls_R_factor_obs                          0.1980000 
_refine.ls_R_factor_all                          0.2020000 
_refine.ls_R_factor_R_work                       0.1980000 
_refine.ls_R_factor_R_free                       0.2410000 
_refine.ls_R_factor_R_free_error                 0.006 
_refine.ls_R_factor_R_free_error_details         ? 
_refine.ls_percent_reflns_R_free                 10.1 
_refine.ls_number_reflns_R_free                  1476 
_refine.ls_number_parameters                     ? 
_refine.ls_number_restraints                     ? 
_refine.occupancy_min                            ? 
_refine.occupancy_max                            ? 
_refine.B_iso_mean                               16.5 
_refine.aniso_B[1][1]                            0.00 
_refine.aniso_B[2][2]                            0.00 
_refine.aniso_B[3][3]                            0.00 
_refine.aniso_B[1][2]                            0.00 
_refine.aniso_B[1][3]                            0.00 
_refine.aniso_B[2][3]                            0.00 
_refine.solvent_model_details                    ? 
_refine.solvent_model_param_ksol                 ? 
_refine.solvent_model_param_bsol                 ? 
_refine.pdbx_ls_cross_valid_method               THROUGHOUT 
_refine.details                                  ? 
_refine.pdbx_starting_model                      ? 
_refine.pdbx_method_to_determine_struct          MIR 
_refine.pdbx_isotropic_thermal_model             RESTRAINED 
_refine.pdbx_stereochemistry_target_values       'Engh & Huber' 
_refine.pdbx_stereochem_target_val_spec_case     ? 
_refine.pdbx_R_Free_selection_details            RANDOM 
_refine.pdbx_overall_ESU_R_Free                  ? 
_refine.overall_SU_B                             ? 
_refine.ls_redundancy_reflns_obs                 ? 
_refine.B_iso_min                                ? 
_refine.B_iso_max                                ? 
_refine.overall_SU_ML                            ? 
_refine.pdbx_overall_ESU_R                       ? 
_refine.pdbx_data_cutoff_high_rms_absF           ? 
_refine.correlation_coeff_Fo_to_Fc               ? 
_refine.correlation_coeff_Fo_to_Fc_free          ? 
_refine.overall_SU_R_Cruickshank_DPI             ? 
_refine.overall_SU_R_free                        ? 
_refine.pdbx_refine_id                           'X-RAY DIFFRACTION' 
_refine.pdbx_diffrn_id                           1 
_refine.pdbx_TLS_residual_ADP_flag               ? 
_refine.pdbx_solvent_vdw_probe_radii             ? 
_refine.pdbx_solvent_ion_probe_radii             ? 
_refine.pdbx_solvent_shrinkage_radii             ? 
_refine.pdbx_overall_phase_error                 ? 
_refine.pdbx_overall_SU_R_free_Cruickshank_DPI   ? 
_refine.pdbx_overall_SU_R_Blow_DPI               ? 
_refine.pdbx_overall_SU_R_free_Blow_DPI          ? 
# 
_refine_analyze.entry_id                        1G6U 
_refine_analyze.Luzzati_coordinate_error_obs    0.17 
_refine_analyze.Luzzati_sigma_a_obs             0.18 
_refine_analyze.Luzzati_d_res_low_obs           5.00 
_refine_analyze.Luzzati_coordinate_error_free   0.20 
_refine_analyze.Luzzati_sigma_a_free            0.20 
_refine_analyze.Luzzati_d_res_low_free          ? 
_refine_analyze.number_disordered_residues      ? 
_refine_analyze.occupancy_sum_hydrogen          ? 
_refine_analyze.occupancy_sum_non_hydrogen      ? 
_refine_analyze.pdbx_Luzzati_d_res_high_obs     ? 
_refine_analyze.pdbx_refine_id                  'X-RAY DIFFRACTION' 
# 
_refine_hist.pdbx_refine_id                   'X-RAY DIFFRACTION' 
_refine_hist.cycle_id                         LAST 
_refine_hist.pdbx_number_atoms_protein        718 
_refine_hist.pdbx_number_atoms_nucleic_acid   0 
_refine_hist.pdbx_number_atoms_ligand         10 
_refine_hist.number_atoms_solvent             85 
_refine_hist.number_atoms_total               813 
_refine_hist.d_res_high                       1.48 
_refine_hist.d_res_low                        30.00 
# 
loop_
_refine_ls_restr.type 
_refine_ls_restr.dev_ideal 
_refine_ls_restr.dev_ideal_target 
_refine_ls_restr.weight 
_refine_ls_restr.number 
_refine_ls_restr.pdbx_refine_id 
_refine_ls_restr.pdbx_restraint_function 
x_bond_d           0.018 ?    ? ? 'X-RAY DIFFRACTION' ? 
x_angle_deg        1.8   ?    ? ? 'X-RAY DIFFRACTION' ? 
x_dihedral_angle_d 16.0  ?    ? ? 'X-RAY DIFFRACTION' ? 
x_improper_angle_d 1.54  ?    ? ? 'X-RAY DIFFRACTION' ? 
x_mcbond_it        0.82  1.50 ? ? 'X-RAY DIFFRACTION' ? 
x_mcangle_it       1.21  2.00 ? ? 'X-RAY DIFFRACTION' ? 
x_scbond_it        3.66  2.00 ? ? 'X-RAY DIFFRACTION' ? 
x_scangle_it       6.54  2.50 ? ? 'X-RAY DIFFRACTION' ? 
# 
_refine_ls_shell.pdbx_total_number_of_bins_used   6 
_refine_ls_shell.d_res_high                       1.48 
_refine_ls_shell.d_res_low                        1.57 
_refine_ls_shell.number_reflns_R_work             1933 
_refine_ls_shell.R_factor_R_work                  0.2850000 
_refine_ls_shell.percent_reflns_obs               88 
_refine_ls_shell.R_factor_R_free                  0.3140000 
_refine_ls_shell.R_factor_R_free_error            0.022 
_refine_ls_shell.percent_reflns_R_free            9.2 
_refine_ls_shell.number_reflns_R_free             196 
_refine_ls_shell.number_reflns_obs                1934 
_refine_ls_shell.redundancy_reflns_obs            ? 
_refine_ls_shell.number_reflns_all                ? 
_refine_ls_shell.pdbx_refine_id                   'X-RAY DIFFRACTION' 
_refine_ls_shell.R_factor_all                     ? 
# 
_struct.entry_id                  1G6U 
_struct.title                     'CRYSTAL STRUCTURE OF A DOMAIN SWAPPED DIMER' 
_struct.pdbx_model_details        ? 
_struct.pdbx_CASP_flag            ? 
_struct.pdbx_model_type_details   ? 
# 
_struct_keywords.entry_id        1G6U 
_struct_keywords.pdbx_keywords   'DE NOVO PROTEIN' 
_struct_keywords.text            'designed three helix bundle, DE NOVO PROTEIN' 
# 
loop_
_struct_asym.id 
_struct_asym.pdbx_blank_PDB_chainid_flag 
_struct_asym.pdbx_modified 
_struct_asym.entity_id 
_struct_asym.details 
A N N 1 ? 
B N N 1 ? 
C N N 2 ? 
D N N 3 ? 
E N N 4 ? 
F N N 4 ? 
# 
_struct_ref.id                         1 
_struct_ref.entity_id                  1 
_struct_ref.db_name                    PDB 
_struct_ref.db_code                    1G6U 
_struct_ref.pdbx_db_accession          1G6U 
_struct_ref.pdbx_db_isoform            ? 
_struct_ref.pdbx_seq_one_letter_code   ? 
_struct_ref.pdbx_align_begin           ? 
# 
loop_
_struct_ref_seq.align_id 
_struct_ref_seq.ref_id 
_struct_ref_seq.pdbx_PDB_id_code 
_struct_ref_seq.pdbx_strand_id 
_struct_ref_seq.seq_align_beg 
_struct_ref_seq.pdbx_seq_align_beg_ins_code 
_struct_ref_seq.seq_align_end 
_struct_ref_seq.pdbx_seq_align_end_ins_code 
_struct_ref_seq.pdbx_db_accession 
_struct_ref_seq.db_align_beg 
_struct_ref_seq.pdbx_db_align_beg_ins_code 
_struct_ref_seq.db_align_end 
_struct_ref_seq.pdbx_db_align_end_ins_code 
_struct_ref_seq.pdbx_auth_seq_align_beg 
_struct_ref_seq.pdbx_auth_seq_align_end 
1 1 1G6U A 1 ? 48 ? 1G6U 1 ? 48 ? 1 48 
2 1 1G6U B 1 ? 48 ? 1G6U 1 ? 48 ? 1 48 
# 
loop_
_pdbx_struct_assembly.id 
_pdbx_struct_assembly.details 
_pdbx_struct_assembly.method_details 
_pdbx_struct_assembly.oligomeric_details 
_pdbx_struct_assembly.oligomeric_count 
1 author_and_software_defined_assembly PISA dimeric   2 
2 software_defined_assembly            PISA hexameric 6 
# 
loop_
_pdbx_struct_assembly_prop.biol_id 
_pdbx_struct_assembly_prop.type 
_pdbx_struct_assembly_prop.value 
_pdbx_struct_assembly_prop.details 
1 'ABSA (A^2)' 2060  ? 
1 MORE         -24   ? 
1 'SSA (A^2)'  6150  ? 
2 'ABSA (A^2)' 11190 ? 
2 MORE         -102  ? 
2 'SSA (A^2)'  13450 ? 
# 
loop_
_pdbx_struct_assembly_gen.assembly_id 
_pdbx_struct_assembly_gen.oper_expression 
_pdbx_struct_assembly_gen.asym_id_list 
1 1     A,B,C,D,E,F 
2 1,2,3 A,B,C,D,E,F 
# 
loop_
_pdbx_struct_oper_list.id 
_pdbx_struct_oper_list.type 
_pdbx_struct_oper_list.name 
_pdbx_struct_oper_list.symmetry_operation 
_pdbx_struct_oper_list.matrix[1][1] 
_pdbx_struct_oper_list.matrix[1][2] 
_pdbx_struct_oper_list.matrix[1][3] 
_pdbx_struct_oper_list.vector[1] 
_pdbx_struct_oper_list.matrix[2][1] 
_pdbx_struct_oper_list.matrix[2][2] 
_pdbx_struct_oper_list.matrix[2][3] 
_pdbx_struct_oper_list.vector[2] 
_pdbx_struct_oper_list.matrix[3][1] 
_pdbx_struct_oper_list.matrix[3][2] 
_pdbx_struct_oper_list.matrix[3][3] 
_pdbx_struct_oper_list.vector[3] 
1 'identity operation'         1_555  x,y,z             1.0000000000 0.0000000000 0.0000000000  0.0000000000   0.0000000000 1.0000000000 0.0000000000  0.0000000000  0.0000000000  0.0000000000  1.0000000000  0.0000000000   
2 'crystal symmetry operation' 7_564  -z+1/2,-x+1,y-1/2 0.0252474668 0.4394733323 0.8979007493  -6.7062581644  0.9084508040 0.3647825987 -0.2040852576 10.1809332939 -0.4172285970 0.8208512934  -0.3900300655 -13.8935352487 
3 'crystal symmetry operation' 10_655 -y+1,z+1/2,-x+1/2 0.0252474668 0.9084508040 -0.4172285970 -14.8763412245 0.4394733323 0.3647825987 0.8208512934  10.6379206974 0.8979007493  -0.2040852576 -0.3900300655 2.6804361617  
# 
_struct_biol.id                    1 
_struct_biol.pdbx_parent_biol_id   ? 
_struct_biol.details               ? 
# 
loop_
_struct_conf.conf_type_id 
_struct_conf.id 
_struct_conf.pdbx_PDB_helix_id 
_struct_conf.beg_label_comp_id 
_struct_conf.beg_label_asym_id 
_struct_conf.beg_label_seq_id 
_struct_conf.pdbx_beg_PDB_ins_code 
_struct_conf.end_label_comp_id 
_struct_conf.end_label_asym_id 
_struct_conf.end_label_seq_id 
_struct_conf.pdbx_end_PDB_ins_code 
_struct_conf.beg_auth_comp_id 
_struct_conf.beg_auth_asym_id 
_struct_conf.beg_auth_seq_id 
_struct_conf.end_auth_comp_id 
_struct_conf.end_auth_asym_id 
_struct_conf.end_auth_seq_id 
_struct_conf.pdbx_PDB_helix_class 
_struct_conf.details 
_struct_conf.pdbx_PDB_helix_length 
HELX_P HELX_P1 1 SER A 1  ? GLU A 15 ? SER A 1  GLU A 15 1 ? 15 
HELX_P HELX_P2 2 SER A 18 ? GLY A 48 ? SER A 18 GLY A 48 1 ? 31 
HELX_P HELX_P3 3 SER B 1  ? LYS B 14 ? SER B 1  LYS B 14 1 ? 14 
HELX_P HELX_P4 4 SER B 18 ? GLY B 48 ? SER B 18 GLY B 48 1 ? 31 
# 
_struct_conf_type.id          HELX_P 
_struct_conf_type.criteria    ? 
_struct_conf_type.reference   ? 
# 
loop_
_struct_site.id 
_struct_site.pdbx_evidence_code 
_struct_site.pdbx_auth_asym_id 
_struct_site.pdbx_auth_comp_id 
_struct_site.pdbx_auth_seq_id 
_struct_site.pdbx_auth_ins_code 
_struct_site.pdbx_num_residues 
_struct_site.details 
AC1 Software B SO4 201 ? 1 'BINDING SITE FOR RESIDUE SO4 B 201' 
AC2 Software B TFA 200 ? 7 'BINDING SITE FOR RESIDUE TFA B 200' 
# 
loop_
_struct_site_gen.id 
_struct_site_gen.site_id 
_struct_site_gen.pdbx_num_res 
_struct_site_gen.label_comp_id 
_struct_site_gen.label_asym_id 
_struct_site_gen.label_seq_id 
_struct_site_gen.pdbx_auth_ins_code 
_struct_site_gen.auth_comp_id 
_struct_site_gen.auth_asym_id 
_struct_site_gen.auth_seq_id 
_struct_site_gen.label_atom_id 
_struct_site_gen.label_alt_id 
_struct_site_gen.symmetry 
_struct_site_gen.details 
1 AC1 1 LYS B 35 ? LYS B 35  . ? 10_655 ? 
2 AC2 7 SER A 1  ? SER A 1   . ? 1_555  ? 
3 AC2 7 LEU A 2  ? LEU A 2   . ? 1_555  ? 
4 AC2 7 ALA A 3  ? ALA A 3   . ? 1_555  ? 
5 AC2 7 HOH E .  ? HOH A 108 . ? 5_555  ? 
6 AC2 7 SER B 1  ? SER B 1   . ? 1_555  ? 
7 AC2 7 LEU B 2  ? LEU B 2   . ? 1_555  ? 
8 AC2 7 ALA B 3  ? ALA B 3   . ? 1_555  ? 
# 
_pdbx_validate_symm_contact.id                1 
_pdbx_validate_symm_contact.PDB_model_num     1 
_pdbx_validate_symm_contact.auth_atom_id_1    S 
_pdbx_validate_symm_contact.auth_asym_id_1    B 
_pdbx_validate_symm_contact.auth_comp_id_1    SO4 
_pdbx_validate_symm_contact.auth_seq_id_1     201 
_pdbx_validate_symm_contact.PDB_ins_code_1    ? 
_pdbx_validate_symm_contact.label_alt_id_1    ? 
_pdbx_validate_symm_contact.site_symmetry_1   1_555 
_pdbx_validate_symm_contact.auth_atom_id_2    O2 
_pdbx_validate_symm_contact.auth_asym_id_2    B 
_pdbx_validate_symm_contact.auth_comp_id_2    SO4 
_pdbx_validate_symm_contact.auth_seq_id_2     201 
_pdbx_validate_symm_contact.PDB_ins_code_2    ? 
_pdbx_validate_symm_contact.label_alt_id_2    ? 
_pdbx_validate_symm_contact.site_symmetry_2   7_564 
_pdbx_validate_symm_contact.dist              1.41 
# 
loop_
_pdbx_validate_torsion.id 
_pdbx_validate_torsion.PDB_model_num 
_pdbx_validate_torsion.auth_comp_id 
_pdbx_validate_torsion.auth_asym_id 
_pdbx_validate_torsion.auth_seq_id 
_pdbx_validate_torsion.PDB_ins_code 
_pdbx_validate_torsion.label_alt_id 
_pdbx_validate_torsion.phi 
_pdbx_validate_torsion.psi 
1 1 SER A 18 ? ? 14.93 76.33 
2 1 SER B 18 ? ? 18.66 69.76 
# 
loop_
_pdbx_struct_special_symmetry.id 
_pdbx_struct_special_symmetry.PDB_model_num 
_pdbx_struct_special_symmetry.auth_asym_id 
_pdbx_struct_special_symmetry.auth_comp_id 
_pdbx_struct_special_symmetry.auth_seq_id 
_pdbx_struct_special_symmetry.PDB_ins_code 
_pdbx_struct_special_symmetry.label_asym_id 
_pdbx_struct_special_symmetry.label_comp_id 
_pdbx_struct_special_symmetry.label_seq_id 
1 1 B SO4 201 ? C SO4 . 
2 1 B SO4 201 ? C SO4 . 
# 
loop_
_chem_comp_atom.comp_id 
_chem_comp_atom.atom_id 
_chem_comp_atom.type_symbol 
_chem_comp_atom.pdbx_aromatic_flag 
_chem_comp_atom.pdbx_stereo_config 
_chem_comp_atom.pdbx_ordinal 
ALA N    N N N 1   
ALA CA   C N S 2   
ALA C    C N N 3   
ALA O    O N N 4   
ALA CB   C N N 5   
ALA OXT  O N N 6   
ALA H    H N N 7   
ALA H2   H N N 8   
ALA HA   H N N 9   
ALA HB1  H N N 10  
ALA HB2  H N N 11  
ALA HB3  H N N 12  
ALA HXT  H N N 13  
GLN N    N N N 14  
GLN CA   C N S 15  
GLN C    C N N 16  
GLN O    O N N 17  
GLN CB   C N N 18  
GLN CG   C N N 19  
GLN CD   C N N 20  
GLN OE1  O N N 21  
GLN NE2  N N N 22  
GLN OXT  O N N 23  
GLN H    H N N 24  
GLN H2   H N N 25  
GLN HA   H N N 26  
GLN HB2  H N N 27  
GLN HB3  H N N 28  
GLN HG2  H N N 29  
GLN HG3  H N N 30  
GLN HE21 H N N 31  
GLN HE22 H N N 32  
GLN HXT  H N N 33  
GLU N    N N N 34  
GLU CA   C N S 35  
GLU C    C N N 36  
GLU O    O N N 37  
GLU CB   C N N 38  
GLU CG   C N N 39  
GLU CD   C N N 40  
GLU OE1  O N N 41  
GLU OE2  O N N 42  
GLU OXT  O N N 43  
GLU H    H N N 44  
GLU H2   H N N 45  
GLU HA   H N N 46  
GLU HB2  H N N 47  
GLU HB3  H N N 48  
GLU HG2  H N N 49  
GLU HG3  H N N 50  
GLU HE2  H N N 51  
GLU HXT  H N N 52  
GLY N    N N N 53  
GLY CA   C N N 54  
GLY C    C N N 55  
GLY O    O N N 56  
GLY OXT  O N N 57  
GLY H    H N N 58  
GLY H2   H N N 59  
GLY HA2  H N N 60  
GLY HA3  H N N 61  
GLY HXT  H N N 62  
HOH O    O N N 63  
HOH H1   H N N 64  
HOH H2   H N N 65  
LEU N    N N N 66  
LEU CA   C N S 67  
LEU C    C N N 68  
LEU O    O N N 69  
LEU CB   C N N 70  
LEU CG   C N N 71  
LEU CD1  C N N 72  
LEU CD2  C N N 73  
LEU OXT  O N N 74  
LEU H    H N N 75  
LEU H2   H N N 76  
LEU HA   H N N 77  
LEU HB2  H N N 78  
LEU HB3  H N N 79  
LEU HG   H N N 80  
LEU HD11 H N N 81  
LEU HD12 H N N 82  
LEU HD13 H N N 83  
LEU HD21 H N N 84  
LEU HD22 H N N 85  
LEU HD23 H N N 86  
LEU HXT  H N N 87  
LYS N    N N N 88  
LYS CA   C N S 89  
LYS C    C N N 90  
LYS O    O N N 91  
LYS CB   C N N 92  
LYS CG   C N N 93  
LYS CD   C N N 94  
LYS CE   C N N 95  
LYS NZ   N N N 96  
LYS OXT  O N N 97  
LYS H    H N N 98  
LYS H2   H N N 99  
LYS HA   H N N 100 
LYS HB2  H N N 101 
LYS HB3  H N N 102 
LYS HG2  H N N 103 
LYS HG3  H N N 104 
LYS HD2  H N N 105 
LYS HD3  H N N 106 
LYS HE2  H N N 107 
LYS HE3  H N N 108 
LYS HZ1  H N N 109 
LYS HZ2  H N N 110 
LYS HZ3  H N N 111 
LYS HXT  H N N 112 
PHE N    N N N 113 
PHE CA   C N S 114 
PHE C    C N N 115 
PHE O    O N N 116 
PHE CB   C N N 117 
PHE CG   C Y N 118 
PHE CD1  C Y N 119 
PHE CD2  C Y N 120 
PHE CE1  C Y N 121 
PHE CE2  C Y N 122 
PHE CZ   C Y N 123 
PHE OXT  O N N 124 
PHE H    H N N 125 
PHE H2   H N N 126 
PHE HA   H N N 127 
PHE HB2  H N N 128 
PHE HB3  H N N 129 
PHE HD1  H N N 130 
PHE HD2  H N N 131 
PHE HE1  H N N 132 
PHE HE2  H N N 133 
PHE HZ   H N N 134 
PHE HXT  H N N 135 
PRO N    N N N 136 
PRO CA   C N S 137 
PRO C    C N N 138 
PRO O    O N N 139 
PRO CB   C N N 140 
PRO CG   C N N 141 
PRO CD   C N N 142 
PRO OXT  O N N 143 
PRO H    H N N 144 
PRO HA   H N N 145 
PRO HB2  H N N 146 
PRO HB3  H N N 147 
PRO HG2  H N N 148 
PRO HG3  H N N 149 
PRO HD2  H N N 150 
PRO HD3  H N N 151 
PRO HXT  H N N 152 
SER N    N N N 153 
SER CA   C N S 154 
SER C    C N N 155 
SER O    O N N 156 
SER CB   C N N 157 
SER OG   O N N 158 
SER OXT  O N N 159 
SER H    H N N 160 
SER H2   H N N 161 
SER HA   H N N 162 
SER HB2  H N N 163 
SER HB3  H N N 164 
SER HG   H N N 165 
SER HXT  H N N 166 
SO4 S    S N N 167 
SO4 O1   O N N 168 
SO4 O2   O N N 169 
SO4 O3   O N N 170 
SO4 O4   O N N 171 
TFA C1   C N N 172 
TFA C2   C N N 173 
TFA O    O N N 174 
TFA F1   F N N 175 
TFA F2   F N N 176 
TFA F3   F N N 177 
TFA OXT  O N N 178 
TFA HXT  H N N 179 
# 
loop_
_chem_comp_bond.comp_id 
_chem_comp_bond.atom_id_1 
_chem_comp_bond.atom_id_2 
_chem_comp_bond.value_order 
_chem_comp_bond.pdbx_aromatic_flag 
_chem_comp_bond.pdbx_stereo_config 
_chem_comp_bond.pdbx_ordinal 
ALA N   CA   sing N N 1   
ALA N   H    sing N N 2   
ALA N   H2   sing N N 3   
ALA CA  C    sing N N 4   
ALA CA  CB   sing N N 5   
ALA CA  HA   sing N N 6   
ALA C   O    doub N N 7   
ALA C   OXT  sing N N 8   
ALA CB  HB1  sing N N 9   
ALA CB  HB2  sing N N 10  
ALA CB  HB3  sing N N 11  
ALA OXT HXT  sing N N 12  
GLN N   CA   sing N N 13  
GLN N   H    sing N N 14  
GLN N   H2   sing N N 15  
GLN CA  C    sing N N 16  
GLN CA  CB   sing N N 17  
GLN CA  HA   sing N N 18  
GLN C   O    doub N N 19  
GLN C   OXT  sing N N 20  
GLN CB  CG   sing N N 21  
GLN CB  HB2  sing N N 22  
GLN CB  HB3  sing N N 23  
GLN CG  CD   sing N N 24  
GLN CG  HG2  sing N N 25  
GLN CG  HG3  sing N N 26  
GLN CD  OE1  doub N N 27  
GLN CD  NE2  sing N N 28  
GLN NE2 HE21 sing N N 29  
GLN NE2 HE22 sing N N 30  
GLN OXT HXT  sing N N 31  
GLU N   CA   sing N N 32  
GLU N   H    sing N N 33  
GLU N   H2   sing N N 34  
GLU CA  C    sing N N 35  
GLU CA  CB   sing N N 36  
GLU CA  HA   sing N N 37  
GLU C   O    doub N N 38  
GLU C   OXT  sing N N 39  
GLU CB  CG   sing N N 40  
GLU CB  HB2  sing N N 41  
GLU CB  HB3  sing N N 42  
GLU CG  CD   sing N N 43  
GLU CG  HG2  sing N N 44  
GLU CG  HG3  sing N N 45  
GLU CD  OE1  doub N N 46  
GLU CD  OE2  sing N N 47  
GLU OE2 HE2  sing N N 48  
GLU OXT HXT  sing N N 49  
GLY N   CA   sing N N 50  
GLY N   H    sing N N 51  
GLY N   H2   sing N N 52  
GLY CA  C    sing N N 53  
GLY CA  HA2  sing N N 54  
GLY CA  HA3  sing N N 55  
GLY C   O    doub N N 56  
GLY C   OXT  sing N N 57  
GLY OXT HXT  sing N N 58  
HOH O   H1   sing N N 59  
HOH O   H2   sing N N 60  
LEU N   CA   sing N N 61  
LEU N   H    sing N N 62  
LEU N   H2   sing N N 63  
LEU CA  C    sing N N 64  
LEU CA  CB   sing N N 65  
LEU CA  HA   sing N N 66  
LEU C   O    doub N N 67  
LEU C   OXT  sing N N 68  
LEU CB  CG   sing N N 69  
LEU CB  HB2  sing N N 70  
LEU CB  HB3  sing N N 71  
LEU CG  CD1  sing N N 72  
LEU CG  CD2  sing N N 73  
LEU CG  HG   sing N N 74  
LEU CD1 HD11 sing N N 75  
LEU CD1 HD12 sing N N 76  
LEU CD1 HD13 sing N N 77  
LEU CD2 HD21 sing N N 78  
LEU CD2 HD22 sing N N 79  
LEU CD2 HD23 sing N N 80  
LEU OXT HXT  sing N N 81  
LYS N   CA   sing N N 82  
LYS N   H    sing N N 83  
LYS N   H2   sing N N 84  
LYS CA  C    sing N N 85  
LYS CA  CB   sing N N 86  
LYS CA  HA   sing N N 87  
LYS C   O    doub N N 88  
LYS C   OXT  sing N N 89  
LYS CB  CG   sing N N 90  
LYS CB  HB2  sing N N 91  
LYS CB  HB3  sing N N 92  
LYS CG  CD   sing N N 93  
LYS CG  HG2  sing N N 94  
LYS CG  HG3  sing N N 95  
LYS CD  CE   sing N N 96  
LYS CD  HD2  sing N N 97  
LYS CD  HD3  sing N N 98  
LYS CE  NZ   sing N N 99  
LYS CE  HE2  sing N N 100 
LYS CE  HE3  sing N N 101 
LYS NZ  HZ1  sing N N 102 
LYS NZ  HZ2  sing N N 103 
LYS NZ  HZ3  sing N N 104 
LYS OXT HXT  sing N N 105 
PHE N   CA   sing N N 106 
PHE N   H    sing N N 107 
PHE N   H2   sing N N 108 
PHE CA  C    sing N N 109 
PHE CA  CB   sing N N 110 
PHE CA  HA   sing N N 111 
PHE C   O    doub N N 112 
PHE C   OXT  sing N N 113 
PHE CB  CG   sing N N 114 
PHE CB  HB2  sing N N 115 
PHE CB  HB3  sing N N 116 
PHE CG  CD1  doub Y N 117 
PHE CG  CD2  sing Y N 118 
PHE CD1 CE1  sing Y N 119 
PHE CD1 HD1  sing N N 120 
PHE CD2 CE2  doub Y N 121 
PHE CD2 HD2  sing N N 122 
PHE CE1 CZ   doub Y N 123 
PHE CE1 HE1  sing N N 124 
PHE CE2 CZ   sing Y N 125 
PHE CE2 HE2  sing N N 126 
PHE CZ  HZ   sing N N 127 
PHE OXT HXT  sing N N 128 
PRO N   CA   sing N N 129 
PRO N   CD   sing N N 130 
PRO N   H    sing N N 131 
PRO CA  C    sing N N 132 
PRO CA  CB   sing N N 133 
PRO CA  HA   sing N N 134 
PRO C   O    doub N N 135 
PRO C   OXT  sing N N 136 
PRO CB  CG   sing N N 137 
PRO CB  HB2  sing N N 138 
PRO CB  HB3  sing N N 139 
PRO CG  CD   sing N N 140 
PRO CG  HG2  sing N N 141 
PRO CG  HG3  sing N N 142 
PRO CD  HD2  sing N N 143 
PRO CD  HD3  sing N N 144 
PRO OXT HXT  sing N N 145 
SER N   CA   sing N N 146 
SER N   H    sing N N 147 
SER N   H2   sing N N 148 
SER CA  C    sing N N 149 
SER CA  CB   sing N N 150 
SER CA  HA   sing N N 151 
SER C   O    doub N N 152 
SER C   OXT  sing N N 153 
SER CB  OG   sing N N 154 
SER CB  HB2  sing N N 155 
SER CB  HB3  sing N N 156 
SER OG  HG   sing N N 157 
SER OXT HXT  sing N N 158 
SO4 S   O1   doub N N 159 
SO4 S   O2   doub N N 160 
SO4 S   O3   sing N N 161 
SO4 S   O4   sing N N 162 
TFA C1  C2   sing N N 163 
TFA C1  O    doub N N 164 
TFA C1  OXT  sing N N 165 
TFA C2  F1   sing N N 166 
TFA C2  F2   sing N N 167 
TFA C2  F3   sing N N 168 
TFA OXT HXT  sing N N 169 
# 
_atom_sites.entry_id                    1G6U 
_atom_sites.fract_transf_matrix[1][1]   -0.00493632 
_atom_sites.fract_transf_matrix[1][2]   0.01410069 
_atom_sites.fract_transf_matrix[1][3]   0.00454218 
_atom_sites.fract_transf_matrix[2][1]   -0.01015068 
_atom_sites.fract_transf_matrix[2][2]   0.00026771 
_atom_sites.fract_transf_matrix[2][3]   -0.01186256 
_atom_sites.fract_transf_matrix[3][1]   -0.01079003 
_atom_sites.fract_transf_matrix[3][2]   -0.00670276 
_atom_sites.fract_transf_matrix[3][3]   0.00908166 
_atom_sites.fract_transf_vector[1]      0.201882 
_atom_sites.fract_transf_vector[2]      0.562491 
_atom_sites.fract_transf_vector[3]      0.184555 
# 
loop_
_atom_type.symbol 
C 
F 
N 
O 
S 
# 
loop_
_atom_site.group_PDB 
_atom_site.id 
_atom_site.type_symbol 
_atom_site.label_atom_id 
_atom_site.label_alt_id 
_atom_site.label_comp_id 
_atom_site.label_asym_id 
_atom_site.label_entity_id 
_atom_site.label_seq_id 
_atom_site.pdbx_PDB_ins_code 
_atom_site.Cartn_x 
_atom_site.Cartn_y 
_atom_site.Cartn_z 
_atom_site.occupancy 
_atom_site.B_iso_or_equiv 
_atom_site.pdbx_formal_charge 
_atom_site.auth_seq_id 
_atom_site.auth_comp_id 
_atom_site.auth_asym_id 
_atom_site.auth_atom_id 
_atom_site.pdbx_PDB_model_num 
ATOM   1   N N   . SER A 1 1  ? 9.564   -0.463  1.113   1.00 16.54 ? 1   SER A N   1 
ATOM   2   C CA  . SER A 1 1  ? 8.279   -1.189  1.363   1.00 15.33 ? 1   SER A CA  1 
ATOM   3   C C   . SER A 1 1  ? 7.289   -0.403  2.225   1.00 15.10 ? 1   SER A C   1 
ATOM   4   O O   . SER A 1 1  ? 7.663   0.577   2.869   1.00 15.78 ? 1   SER A O   1 
ATOM   5   C CB  . SER A 1 1  ? 8.605   -2.491  2.080   1.00 16.25 ? 1   SER A CB  1 
ATOM   6   O OG  . SER A 1 1  ? 9.309   -2.211  3.293   1.00 15.93 ? 1   SER A OG  1 
ATOM   7   N N   . LEU A 1 2  ? 6.043   -0.859  2.274   1.00 14.24 ? 2   LEU A N   1 
ATOM   8   C CA  . LEU A 1 2  ? 5.010   -0.245  3.123   1.00 14.45 ? 2   LEU A CA  1 
ATOM   9   C C   . LEU A 1 2  ? 5.476   -0.373  4.622   1.00 13.93 ? 2   LEU A C   1 
ATOM   10  O O   . LEU A 1 2  ? 5.455   0.616   5.380   1.00 12.59 ? 2   LEU A O   1 
ATOM   11  C CB  . LEU A 1 2  ? 3.692   -0.955  2.899   1.00 18.16 ? 2   LEU A CB  1 
ATOM   12  C CG  . LEU A 1 2  ? 2.492   -0.608  3.745   1.00 22.32 ? 2   LEU A CG  1 
ATOM   13  C CD1 . LEU A 1 2  ? 2.087   0.827   3.483   1.00 26.62 ? 2   LEU A CD1 1 
ATOM   14  C CD2 . LEU A 1 2  ? 1.373   -1.548  3.348   1.00 23.63 ? 2   LEU A CD2 1 
ATOM   15  N N   . ALA A 1 3  ? 5.969   -1.562  5.014   1.00 12.29 ? 3   ALA A N   1 
ATOM   16  C CA  . ALA A 1 3  ? 6.475   -1.784  6.388   1.00 11.58 ? 3   ALA A CA  1 
ATOM   17  C C   . ALA A 1 3  ? 7.642   -0.848  6.711   1.00 11.50 ? 3   ALA A C   1 
ATOM   18  O O   . ALA A 1 3  ? 7.684   -0.261  7.800   1.00 11.19 ? 3   ALA A O   1 
ATOM   19  C CB  . ALA A 1 3  ? 6.955   -3.190  6.545   1.00 13.16 ? 3   ALA A CB  1 
ATOM   20  N N   . ALA A 1 4  ? 8.534   -0.609  5.756   1.00 9.77  ? 4   ALA A N   1 
ATOM   21  C CA  . ALA A 1 4  ? 9.689   0.231   6.037   1.00 10.58 ? 4   ALA A CA  1 
ATOM   22  C C   . ALA A 1 4  ? 9.221   1.677   6.277   1.00 10.31 ? 4   ALA A C   1 
ATOM   23  O O   . ALA A 1 4  ? 9.668   2.339   7.223   1.00 10.34 ? 4   ALA A O   1 
ATOM   24  C CB  . ALA A 1 4  ? 10.669  0.191   4.876   1.00 10.68 ? 4   ALA A CB  1 
ATOM   25  N N   . LEU A 1 5  ? 8.314   2.151   5.416   1.00 8.89  ? 5   LEU A N   1 
ATOM   26  C CA  . LEU A 1 5  ? 7.827   3.506   5.574   1.00 9.07  ? 5   LEU A CA  1 
ATOM   27  C C   . LEU A 1 5  ? 7.027   3.637   6.850   1.00 8.91  ? 5   LEU A C   1 
ATOM   28  O O   . LEU A 1 5  ? 7.235   4.604   7.598   1.00 9.25  ? 5   LEU A O   1 
ATOM   29  C CB  . LEU A 1 5  ? 7.016   3.947   4.360   1.00 10.49 ? 5   LEU A CB  1 
ATOM   30  C CG  . LEU A 1 5  ? 6.439   5.370   4.456   1.00 10.24 ? 5   LEU A CG  1 
ATOM   31  C CD1 . LEU A 1 5  ? 7.601   6.420   4.644   1.00 12.29 ? 5   LEU A CD1 1 
ATOM   32  C CD2 . LEU A 1 5  ? 5.527   5.674   3.254   1.00 10.95 ? 5   LEU A CD2 1 
ATOM   33  N N   . LYS A 1 6  ? 6.121   2.668   7.110   1.00 8.85  ? 6   LYS A N   1 
ATOM   34  C CA  . LYS A 1 6  ? 5.270   2.704   8.300   1.00 9.81  ? 6   LYS A CA  1 
ATOM   35  C C   . LYS A 1 6  ? 6.109   2.810   9.585   1.00 9.41  ? 6   LYS A C   1 
ATOM   36  O O   . LYS A 1 6  ? 5.828   3.611   10.483  1.00 9.69  ? 6   LYS A O   1 
ATOM   37  C CB  . LYS A 1 6  ? 4.378   1.468   8.328   1.00 10.38 ? 6   LYS A CB  1 
ATOM   38  C CG  . LYS A 1 6  ? 3.580   1.349   9.580   1.00 12.67 ? 6   LYS A CG  1 
ATOM   39  C CD  . LYS A 1 6  ? 2.581   0.207   9.476   1.00 13.19 ? 6   LYS A CD  1 
ATOM   40  C CE  . LYS A 1 6  ? 1.603   0.376   10.621  1.00 17.24 ? 6   LYS A CE  1 
ATOM   41  N NZ  . LYS A 1 6  ? 0.665   -0.746  10.695  1.00 19.62 ? 6   LYS A NZ  1 
ATOM   42  N N   . SER A 1 7  ? 7.180   2.036   9.626   1.00 9.19  ? 7   SER A N   1 
ATOM   43  C CA  . SER A 1 7  ? 8.083   2.017   10.765  1.00 8.80  ? 7   SER A CA  1 
ATOM   44  C C   . SER A 1 7  ? 8.784   3.333   10.962  1.00 9.14  ? 7   SER A C   1 
ATOM   45  O O   . SER A 1 7  ? 8.888   3.823   12.075  1.00 8.77  ? 7   SER A O   1 
ATOM   46  C CB  . SER A 1 7  ? 9.113   0.904   10.570  1.00 10.68 ? 7   SER A CB  1 
ATOM   47  O OG  . SER A 1 7  ? 8.456   -0.386  10.501  1.00 13.64 ? 7   SER A OG  1 
ATOM   48  N N   . GLU A 1 8  ? 9.282   3.899   9.856   1.00 8.00  ? 8   GLU A N   1 
ATOM   49  C CA  . GLU A 1 8  ? 9.989   5.172   9.864   1.00 7.52  ? 8   GLU A CA  1 
ATOM   50  C C   . GLU A 1 8  ? 9.029   6.279   10.339  1.00 8.49  ? 8   GLU A C   1 
ATOM   51  O O   . GLU A 1 8  ? 9.402   7.141   11.149  1.00 9.40  ? 8   GLU A O   1 
ATOM   52  C CB  . GLU A 1 8  ? 10.519  5.461   8.451   1.00 7.60  ? 8   GLU A CB  1 
ATOM   53  C CG  . GLU A 1 8  ? 10.933  6.899   8.319   1.00 9.97  ? 8   GLU A CG  1 
ATOM   54  C CD  . GLU A 1 8  ? 11.894  7.194   7.185   1.00 11.04 ? 8   GLU A CD  1 
ATOM   55  O OE1 . GLU A 1 8  ? 11.896  6.421   6.201   1.00 10.17 ? 8   GLU A OE1 1 
ATOM   56  O OE2 . GLU A 1 8  ? 12.649  8.214   7.294   1.00 9.61  ? 8   GLU A OE2 1 
ATOM   57  N N   . LEU A 1 9  ? 7.826   6.322   9.761   1.00 8.09  ? 9   LEU A N   1 
ATOM   58  C CA  . LEU A 1 9  ? 6.852   7.338   10.178  1.00 8.59  ? 9   LEU A CA  1 
ATOM   59  C C   . LEU A 1 9  ? 6.585   7.239   11.709  1.00 9.36  ? 9   LEU A C   1 
ATOM   60  O O   . LEU A 1 9  ? 6.532   8.280   12.431  1.00 9.59  ? 9   LEU A O   1 
ATOM   61  C CB  . LEU A 1 9  ? 5.558   7.155   9.386   1.00 10.38 ? 9   LEU A CB  1 
ATOM   62  C CG  . LEU A 1 9  ? 5.622   7.552   7.911   1.00 10.85 ? 9   LEU A CG  1 
ATOM   63  C CD1 . LEU A 1 9  ? 4.205   7.473   7.334   1.00 9.35  ? 9   LEU A CD1 1 
ATOM   64  C CD2 . LEU A 1 9  ? 6.192   8.985   7.771   1.00 13.64 ? 9   LEU A CD2 1 
ATOM   65  N N   . GLN A 1 10 ? 6.475   6.006   12.232  1.00 8.98  ? 10  GLN A N   1 
ATOM   66  C CA  . GLN A 1 10 ? 6.245   5.862   13.676  1.00 8.50  ? 10  GLN A CA  1 
ATOM   67  C C   . GLN A 1 10 ? 7.430   6.353   14.481  1.00 9.48  ? 10  GLN A C   1 
ATOM   68  O O   . GLN A 1 10 ? 7.258   7.047   15.495  1.00 10.03 ? 10  GLN A O   1 
ATOM   69  C CB  . GLN A 1 10 ? 5.920   4.422   14.067  1.00 8.76  ? 10  GLN A CB  1 
ATOM   70  C CG  . GLN A 1 10 ? 4.551   4.007   13.593  1.00 12.77 ? 10  GLN A CG  1 
ATOM   71  C CD  . GLN A 1 10 ? 4.184   2.611   14.048  1.00 14.17 ? 10  GLN A CD  1 
ATOM   72  O OE1 . GLN A 1 10 ? 4.889   1.998   14.885  1.00 15.33 ? 10  GLN A OE1 1 
ATOM   73  N NE2 . GLN A 1 10 ? 3.076   2.117   13.539  1.00 12.58 ? 10  GLN A NE2 1 
ATOM   74  N N   . ALA A 1 11 ? 8.639   6.080   13.987  1.00 8.75  ? 11  ALA A N   1 
ATOM   75  C CA  . ALA A 1 11 ? 9.831   6.511   14.723  1.00 9.21  ? 11  ALA A CA  1 
ATOM   76  C C   . ALA A 1 11 ? 9.950   8.045   14.688  1.00 9.20  ? 11  ALA A C   1 
ATOM   77  O O   . ALA A 1 11 ? 10.344  8.654   15.675  1.00 9.73  ? 11  ALA A O   1 
ATOM   78  C CB  . ALA A 1 11 ? 11.093  5.880   14.151  1.00 10.60 ? 11  ALA A CB  1 
ATOM   79  N N   . LEU A 1 12 ? 9.669   8.653   13.527  1.00 9.12  ? 12  LEU A N   1 
ATOM   80  C CA  . LEU A 1 12 ? 9.741   10.115  13.396  1.00 8.55  ? 12  LEU A CA  1 
ATOM   81  C C   . LEU A 1 12 ? 8.694   10.754  14.314  1.00 10.29 ? 12  LEU A C   1 
ATOM   82  O O   . LEU A 1 12 ? 8.900   11.890  14.802  1.00 9.92  ? 12  LEU A O   1 
ATOM   83  C CB  . LEU A 1 12 ? 9.553   10.579  11.944  1.00 9.30  ? 12  LEU A CB  1 
ATOM   84  C CG  . LEU A 1 12 ? 10.767  10.227  11.041  1.00 10.16 ? 12  LEU A CG  1 
ATOM   85  C CD1 . LEU A 1 12 ? 10.463  10.613  9.579   1.00 9.24  ? 12  LEU A CD1 1 
ATOM   86  C CD2 . LEU A 1 12 ? 12.061  10.847  11.523  1.00 8.45  ? 12  LEU A CD2 1 
ATOM   87  N N   . LYS A 1 13 ? 7.580   10.043  14.527  1.00 8.87  ? 13  LYS A N   1 
ATOM   88  C CA  . LYS A 1 13 ? 6.535   10.555  15.424  1.00 10.14 ? 13  LYS A CA  1 
ATOM   89  C C   . LYS A 1 13 ? 7.063   10.530  16.866  1.00 10.38 ? 13  LYS A C   1 
ATOM   90  O O   . LYS A 1 13 ? 6.843   11.485  17.628  1.00 10.93 ? 13  LYS A O   1 
ATOM   91  C CB  . LYS A 1 13 ? 5.272   9.729   15.322  1.00 8.80  ? 13  LYS A CB  1 
ATOM   92  C CG  . LYS A 1 13 ? 4.108   10.398  16.021  1.00 12.74 ? 13  LYS A CG  1 
ATOM   93  C CD  . LYS A 1 13 ? 2.856   9.660   15.728  1.00 13.64 ? 13  LYS A CD  1 
ATOM   94  C CE  . LYS A 1 13 ? 1.690   10.478  16.164  1.00 18.80 ? 13  LYS A CE  1 
ATOM   95  N NZ  . LYS A 1 13 ? 0.393   9.721   15.922  1.00 21.42 ? 13  LYS A NZ  1 
ATOM   96  N N   . LYS A 1 14 ? 7.811   9.488   17.216  1.00 9.98  ? 14  LYS A N   1 
ATOM   97  C CA  . LYS A 1 14 ? 8.406   9.436   18.567  1.00 11.48 ? 14  LYS A CA  1 
ATOM   98  C C   . LYS A 1 14 ? 9.457   10.542  18.685  1.00 11.66 ? 14  LYS A C   1 
ATOM   99  O O   . LYS A 1 14 ? 9.640   11.142  19.744  1.00 12.34 ? 14  LYS A O   1 
ATOM   100 C CB  . LYS A 1 14 ? 9.053   8.075   18.859  1.00 14.02 ? 14  LYS A CB  1 
ATOM   101 C CG  . LYS A 1 14 ? 8.068   6.929   18.964  1.00 17.45 ? 14  LYS A CG  1 
ATOM   102 C CD  . LYS A 1 14 ? 8.717   5.572   18.589  1.00 21.25 ? 14  LYS A CD  1 
ATOM   103 C CE  . LYS A 1 14 ? 9.851   5.251   19.469  1.00 24.10 ? 14  LYS A CE  1 
ATOM   104 N NZ  . LYS A 1 14 ? 10.298  3.847   19.224  1.00 25.79 ? 14  LYS A NZ  1 
ATOM   105 N N   . GLU A 1 15 ? 10.119  10.860  17.579  1.00 10.85 ? 15  GLU A N   1 
ATOM   106 C CA  . GLU A 1 15 ? 11.143  11.919  17.555  1.00 11.23 ? 15  GLU A CA  1 
ATOM   107 C C   . GLU A 1 15 ? 10.582  13.350  17.447  1.00 11.20 ? 15  GLU A C   1 
ATOM   108 O O   . GLU A 1 15 ? 11.306  14.347  17.574  1.00 10.69 ? 15  GLU A O   1 
ATOM   109 C CB  . GLU A 1 15 ? 12.146  11.641  16.439  1.00 11.68 ? 15  GLU A CB  1 
ATOM   110 C CG  . GLU A 1 15 ? 12.931  10.362  16.652  1.00 11.50 ? 15  GLU A CG  1 
ATOM   111 C CD  . GLU A 1 15 ? 13.965  10.542  17.726  1.00 14.41 ? 15  GLU A CD  1 
ATOM   112 O OE1 . GLU A 1 15 ? 14.794  11.472  17.585  1.00 14.26 ? 15  GLU A OE1 1 
ATOM   113 O OE2 . GLU A 1 15 ? 13.963  9.782   18.713  1.00 14.91 ? 15  GLU A OE2 1 
ATOM   114 N N   . GLY A 1 16 ? 9.272   13.461  17.321  1.00 11.55 ? 16  GLY A N   1 
ATOM   115 C CA  . GLY A 1 16 ? 8.660   14.777  17.234  1.00 11.95 ? 16  GLY A CA  1 
ATOM   116 C C   . GLY A 1 16 ? 8.925   15.531  15.933  1.00 12.77 ? 16  GLY A C   1 
ATOM   117 O O   . GLY A 1 16 ? 8.875   16.777  15.895  1.00 12.63 ? 16  GLY A O   1 
ATOM   118 N N   . PHE A 1 17 ? 9.287   14.791  14.887  1.00 12.34 ? 17  PHE A N   1 
ATOM   119 C CA  . PHE A 1 17 ? 9.567   15.378  13.569  1.00 12.53 ? 17  PHE A CA  1 
ATOM   120 C C   . PHE A 1 17 ? 8.302   16.040  12.944  1.00 13.25 ? 17  PHE A C   1 
ATOM   121 O O   . PHE A 1 17 ? 7.209   15.427  13.035  1.00 12.49 ? 17  PHE A O   1 
ATOM   122 C CB  . PHE A 1 17 ? 10.058  14.246  12.652  1.00 14.07 ? 17  PHE A CB  1 
ATOM   123 C CG  . PHE A 1 17 ? 10.489  14.709  11.289  1.00 17.21 ? 17  PHE A CG  1 
ATOM   124 C CD1 . PHE A 1 17 ? 11.764  15.221  11.094  1.00 20.57 ? 17  PHE A CD1 1 
ATOM   125 C CD2 . PHE A 1 17 ? 9.611   14.659  10.212  1.00 16.69 ? 17  PHE A CD2 1 
ATOM   126 C CE1 . PHE A 1 17 ? 12.149  15.698  9.801   1.00 20.80 ? 17  PHE A CE1 1 
ATOM   127 C CE2 . PHE A 1 17 ? 9.991   15.126  8.938   1.00 18.94 ? 17  PHE A CE2 1 
ATOM   128 C CZ  . PHE A 1 17 ? 11.253  15.640  8.747   1.00 19.92 ? 17  PHE A CZ  1 
ATOM   129 N N   . SER A 1 18 ? 8.447   17.299  12.438  1.00 13.31 ? 18  SER A N   1 
ATOM   130 C CA  . SER A 1 18 ? 7.415   18.110  11.746  1.00 13.83 ? 18  SER A CA  1 
ATOM   131 C C   . SER A 1 18 ? 6.042   17.499  11.989  1.00 14.40 ? 18  SER A C   1 
ATOM   132 O O   . SER A 1 18 ? 5.423   16.959  11.056  1.00 14.86 ? 18  SER A O   1 
ATOM   133 C CB  . SER A 1 18 ? 7.791   18.058  10.263  1.00 16.15 ? 18  SER A CB  1 
ATOM   134 O OG  . SER A 1 18 ? 6.938   18.837  9.452   1.00 19.27 ? 18  SER A OG  1 
ATOM   135 N N   . PRO A 1 19 ? 5.468   17.697  13.196  1.00 13.68 ? 19  PRO A N   1 
ATOM   136 C CA  . PRO A 1 19 ? 4.171   17.072  13.509  1.00 13.27 ? 19  PRO A CA  1 
ATOM   137 C C   . PRO A 1 19 ? 2.967   17.008  12.634  1.00 12.96 ? 19  PRO A C   1 
ATOM   138 O O   . PRO A 1 19 ? 2.464   15.926  12.415  1.00 13.24 ? 19  PRO A O   1 
ATOM   139 C CB  . PRO A 1 19 ? 3.868   17.542  14.941  1.00 13.55 ? 19  PRO A CB  1 
ATOM   140 C CG  . PRO A 1 19 ? 5.312   17.650  15.534  1.00 13.99 ? 19  PRO A CG  1 
ATOM   141 C CD  . PRO A 1 19 ? 6.023   18.392  14.387  1.00 14.19 ? 19  PRO A CD  1 
ATOM   142 N N   . GLU A 1 20 ? 2.471   18.145  12.160  1.00 12.72 ? 20  GLU A N   1 
ATOM   143 C CA  . GLU A 1 20 ? 1.279   18.147  11.328  1.00 13.39 ? 20  GLU A CA  1 
ATOM   144 C C   . GLU A 1 20 ? 1.550   17.549  9.959   1.00 12.51 ? 20  GLU A C   1 
ATOM   145 O O   . GLU A 1 20 ? 0.738   16.771  9.441   1.00 12.57 ? 20  GLU A O   1 
ATOM   146 C CB  . GLU A 1 20 ? 0.731   19.579  11.162  1.00 15.52 ? 20  GLU A CB  1 
ATOM   147 C CG  . GLU A 1 20 ? 0.209   20.222  12.460  1.00 17.45 ? 20  GLU A CG  1 
ATOM   148 C CD  . GLU A 1 20 ? -0.985  19.479  13.090  1.00 20.11 ? 20  GLU A CD  1 
ATOM   149 O OE1 . GLU A 1 20 ? -1.466  18.454  12.519  1.00 20.64 ? 20  GLU A OE1 1 
ATOM   150 O OE2 . GLU A 1 20 ? -1.481  19.968  14.144  1.00 19.25 ? 20  GLU A OE2 1 
ATOM   151 N N   . GLU A 1 21 ? 2.692   17.901  9.381   1.00 13.43 ? 21  GLU A N   1 
ATOM   152 C CA  . GLU A 1 21 ? 3.049   17.360  8.098   1.00 13.34 ? 21  GLU A CA  1 
ATOM   153 C C   . GLU A 1 21 ? 3.211   15.847  8.195   1.00 12.69 ? 21  GLU A C   1 
ATOM   154 O O   . GLU A 1 21 ? 2.721   15.116  7.343   1.00 12.44 ? 21  GLU A O   1 
ATOM   155 C CB  . GLU A 1 21 ? 4.349   17.994  7.619   1.00 16.18 ? 21  GLU A CB  1 
ATOM   156 C CG  . GLU A 1 21 ? 4.158   19.415  7.161   1.00 22.03 ? 21  GLU A CG  1 
ATOM   157 C CD  . GLU A 1 21 ? 3.476   19.567  5.799   1.00 29.57 ? 21  GLU A CD  1 
ATOM   158 O OE1 . GLU A 1 21 ? 3.498   20.731  5.319   1.00 36.10 ? 21  GLU A OE1 1 
ATOM   159 O OE2 . GLU A 1 21 ? 2.941   18.591  5.195   1.00 29.00 ? 21  GLU A OE2 1 
ATOM   160 N N   . LEU A 1 22 ? 3.829   15.367  9.272   1.00 11.76 ? 22  LEU A N   1 
ATOM   161 C CA  . LEU A 1 22 ? 4.021   13.939  9.436   1.00 11.23 ? 22  LEU A CA  1 
ATOM   162 C C   . LEU A 1 22 ? 2.680   13.227  9.692   1.00 10.51 ? 22  LEU A C   1 
ATOM   163 O O   . LEU A 1 22 ? 2.477   12.099  9.215   1.00 10.51 ? 22  LEU A O   1 
ATOM   164 C CB  . LEU A 1 22 ? 4.994   13.685  10.579  1.00 12.95 ? 22  LEU A CB  1 
ATOM   165 C CG  . LEU A 1 22 ? 5.553   12.279  10.694  1.00 15.41 ? 22  LEU A CG  1 
ATOM   166 C CD1 . LEU A 1 22 ? 6.561   12.059  9.584   1.00 14.10 ? 22  LEU A CD1 1 
ATOM   167 C CD2 . LEU A 1 22 ? 6.209   12.121  12.081  1.00 11.97 ? 22  LEU A CD2 1 
ATOM   168 N N   . ALA A 1 23 ? 1.795   13.859  10.469  1.00 8.99  ? 23  ALA A N   1 
ATOM   169 C CA  . ALA A 1 23 ? 0.473   13.276  10.796  1.00 8.86  ? 23  ALA A CA  1 
ATOM   170 C C   . ALA A 1 23 ? -0.314  13.018  9.508   1.00 9.18  ? 23  ALA A C   1 
ATOM   171 O O   . ALA A 1 23 ? -1.002  11.993  9.379   1.00 9.97  ? 23  ALA A O   1 
ATOM   172 C CB  . ALA A 1 23 ? -0.325  14.202  11.731  1.00 10.50 ? 23  ALA A CB  1 
ATOM   173 N N   . ALA A 1 24 ? -0.222  13.956  8.564   1.00 8.13  ? 24  ALA A N   1 
ATOM   174 C CA  . ALA A 1 24 ? -0.889  13.775  7.279   1.00 8.49  ? 24  ALA A CA  1 
ATOM   175 C C   . ALA A 1 24 ? -0.296  12.525  6.616   1.00 8.91  ? 24  ALA A C   1 
ATOM   176 O O   . ALA A 1 24 ? -1.058  11.721  6.099   1.00 9.50  ? 24  ALA A O   1 
ATOM   177 C CB  . ALA A 1 24 ? -0.668  14.988  6.369   1.00 9.07  ? 24  ALA A CB  1 
ATOM   178 N N   . LEU A 1 25 ? 1.044   12.355  6.638   1.00 8.12  ? 25  LEU A N   1 
ATOM   179 C CA  . LEU A 1 25 ? 1.635   11.158  5.992   1.00 8.48  ? 25  LEU A CA  1 
ATOM   180 C C   . LEU A 1 25 ? 1.185   9.882   6.708   1.00 8.64  ? 25  LEU A C   1 
ATOM   181 O O   . LEU A 1 25 ? 0.882   8.909   6.085   1.00 8.87  ? 25  LEU A O   1 
ATOM   182 C CB  . LEU A 1 25 ? 3.146   11.228  5.917   1.00 8.30  ? 25  LEU A CB  1 
ATOM   183 C CG  . LEU A 1 25 ? 3.653   12.423  5.158   1.00 12.10 ? 25  LEU A CG  1 
ATOM   184 C CD1 . LEU A 1 25 ? 5.193   12.271  5.116   1.00 14.75 ? 25  LEU A CD1 1 
ATOM   185 C CD2 . LEU A 1 25 ? 3.009   12.470  3.751   1.00 15.81 ? 25  LEU A CD2 1 
ATOM   186 N N   . GLU A 1 26 ? 1.172   9.896   8.035   1.00 9.30  ? 26  GLU A N   1 
ATOM   187 C CA  . GLU A 1 26 ? 0.703   8.761   8.830   1.00 10.05 ? 26  GLU A CA  1 
ATOM   188 C C   . GLU A 1 26 ? -0.710  8.336   8.385   1.00 9.25  ? 26  GLU A C   1 
ATOM   189 O O   . GLU A 1 26 ? -0.987  7.167   8.152   1.00 10.43 ? 26  GLU A O   1 
ATOM   190 C CB  . GLU A 1 26 ? 0.667   9.185   10.295  1.00 13.58 ? 26  GLU A CB  1 
ATOM   191 C CG  . GLU A 1 26 ? 0.152   8.086   11.223  1.00 20.11 ? 26  GLU A CG  1 
ATOM   192 C CD  . GLU A 1 26 ? 0.075   8.529   12.728  1.00 23.85 ? 26  GLU A CD  1 
ATOM   193 O OE1 . GLU A 1 26 ? 0.148   9.755   13.046  1.00 23.78 ? 26  GLU A OE1 1 
ATOM   194 O OE2 . GLU A 1 26 ? -0.053  7.627   13.594  1.00 26.89 ? 26  GLU A OE2 1 
ATOM   195 N N   . SER A 1 27 ? -1.634  9.286   8.313   1.00 9.18  ? 27  SER A N   1 
ATOM   196 C CA  . SER A 1 27 ? -3.008  8.946   7.887   1.00 8.53  ? 27  SER A CA  1 
ATOM   197 C C   . SER A 1 27 ? -3.093  8.430   6.415   1.00 9.54  ? 27  SER A C   1 
ATOM   198 O O   . SER A 1 27 ? -3.898  7.533   6.095   1.00 8.70  ? 27  SER A O   1 
ATOM   199 C CB  . SER A 1 27 ? -3.948  10.151  8.097   1.00 8.50  ? 27  SER A CB  1 
ATOM   200 O OG  . SER A 1 27 ? -4.033  10.428  9.478   1.00 9.83  ? 27  SER A OG  1 
ATOM   201 N N   . GLU A 1 28 ? -2.288  9.007   5.523   1.00 8.75  ? 28  GLU A N   1 
ATOM   202 C CA  . GLU A 1 28 ? -2.277  8.560   4.135   1.00 11.26 ? 28  GLU A CA  1 
ATOM   203 C C   . GLU A 1 28 ? -1.772  7.144   4.119   1.00 11.17 ? 28  GLU A C   1 
ATOM   204 O O   . GLU A 1 28 ? -2.315  6.330   3.387   1.00 11.83 ? 28  GLU A O   1 
ATOM   205 C CB  . GLU A 1 28 ? -1.354  9.399   3.239   1.00 16.15 ? 28  GLU A CB  1 
ATOM   206 C CG  . GLU A 1 28 ? -1.762  10.874  3.070   1.00 27.04 ? 28  GLU A CG  1 
ATOM   207 C CD  . GLU A 1 28 ? -2.355  11.120  1.721   1.00 37.43 ? 28  GLU A CD  1 
ATOM   208 O OE1 . GLU A 1 28 ? -3.337  10.387  1.374   1.00 40.19 ? 28  GLU A OE1 1 
ATOM   209 O OE2 . GLU A 1 28 ? -1.801  11.996  0.999   1.00 40.34 ? 28  GLU A OE2 1 
ATOM   210 N N   . LEU A 1 29 ? -0.745  6.835   4.916   1.00 9.26  ? 29  LEU A N   1 
ATOM   211 C CA  . LEU A 1 29 ? -0.261  5.467   4.963   1.00 9.44  ? 29  LEU A CA  1 
ATOM   212 C C   . LEU A 1 29 ? -1.378  4.546   5.494   1.00 10.09 ? 29  LEU A C   1 
ATOM   213 O O   . LEU A 1 29 ? -1.617  3.468   4.969   1.00 10.16 ? 29  LEU A O   1 
ATOM   214 C CB  . LEU A 1 29 ? 0.981   5.372   5.815   1.00 8.85  ? 29  LEU A CB  1 
ATOM   215 C CG  . LEU A 1 29 ? 1.573   3.970   5.865   1.00 11.93 ? 29  LEU A CG  1 
ATOM   216 C CD1 . LEU A 1 29 ? 3.075   4.031   5.805   1.00 14.37 ? 29  LEU A CD1 1 
ATOM   217 C CD2 . LEU A 1 29 ? 1.095   3.286   7.163   1.00 15.59 ? 29  LEU A CD2 1 
ATOM   218 N N   . GLN A 1 30 ? -2.112  4.991   6.514   1.00 10.10 ? 30  GLN A N   1 
ATOM   219 C CA  . GLN A 1 30 ? -3.188  4.167   7.030   1.00 9.19  ? 30  GLN A CA  1 
ATOM   220 C C   . GLN A 1 30 ? -4.227  3.972   5.935   1.00 10.50 ? 30  GLN A C   1 
ATOM   221 O O   . GLN A 1 30 ? -4.819  2.882   5.812   1.00 10.02 ? 30  GLN A O   1 
ATOM   222 C CB  . GLN A 1 30 ? -3.791  4.810   8.255   1.00 9.57  ? 30  GLN A CB  1 
ATOM   223 C CG  . GLN A 1 30 ? -2.852  4.663   9.425   1.00 13.97 ? 30  GLN A CG  1 
ATOM   224 C CD  . GLN A 1 30 ? -3.349  5.374   10.692  1.00 19.71 ? 30  GLN A CD  1 
ATOM   225 O OE1 . GLN A 1 30 ? -4.381  6.110   10.692  1.00 19.58 ? 30  GLN A OE1 1 
ATOM   226 N NE2 . GLN A 1 30 ? -2.607  5.178   11.786  1.00 20.32 ? 30  GLN A NE2 1 
ATOM   227 N N   . ALA A 1 31 ? -4.506  5.034   5.173   1.00 10.27 ? 31  ALA A N   1 
ATOM   228 C CA  . ALA A 1 31 ? -5.477  4.930   4.062   1.00 10.21 ? 31  ALA A CA  1 
ATOM   229 C C   . ALA A 1 31 ? -4.998  3.873   3.064   1.00 10.24 ? 31  ALA A C   1 
ATOM   230 O O   . ALA A 1 31 ? -5.758  3.036   2.603   1.00 11.27 ? 31  ALA A O   1 
ATOM   231 C CB  . ALA A 1 31 ? -5.669  6.284   3.375   1.00 10.64 ? 31  ALA A CB  1 
ATOM   232 N N   . LEU A 1 32 ? -3.704  3.853   2.774   1.00 10.89 ? 32  LEU A N   1 
ATOM   233 C CA  . LEU A 1 32 ? -3.152  2.822   1.864   1.00 11.89 ? 32  LEU A CA  1 
ATOM   234 C C   . LEU A 1 32 ? -3.316  1.388   2.461   1.00 11.78 ? 32  LEU A C   1 
ATOM   235 O O   . LEU A 1 32 ? -3.644  0.412   1.745   1.00 11.38 ? 32  LEU A O   1 
ATOM   236 C CB  . LEU A 1 32 ? -1.697  3.204   1.559   1.00 17.13 ? 32  LEU A CB  1 
ATOM   237 C CG  . LEU A 1 32 ? -0.929  2.627   0.406   1.00 21.79 ? 32  LEU A CG  1 
ATOM   238 C CD1 . LEU A 1 32 ? 0.425   3.371   0.252   1.00 22.68 ? 32  LEU A CD1 1 
ATOM   239 C CD2 . LEU A 1 32 ? -0.686  1.181   0.803   1.00 25.34 ? 32  LEU A CD2 1 
ATOM   240 N N   . GLU A 1 33 ? -3.134  1.257   3.787   1.00 10.91 ? 33  GLU A N   1 
ATOM   241 C CA  . GLU A 1 33 ? -3.314  -0.037  4.460   1.00 10.78 ? 33  GLU A CA  1 
ATOM   242 C C   . GLU A 1 33 ? -4.751  -0.520  4.299   1.00 10.32 ? 33  GLU A C   1 
ATOM   243 O O   . GLU A 1 33 ? -5.006  -1.691  4.106   1.00 10.50 ? 33  GLU A O   1 
ATOM   244 C CB  . GLU A 1 33 ? -2.981  0.081   5.953   1.00 11.81 ? 33  GLU A CB  1 
ATOM   245 C CG  . GLU A 1 33 ? -1.520  0.359   6.241   1.00 16.40 ? 33  GLU A CG  1 
ATOM   246 C CD  . GLU A 1 33 ? -1.231  0.498   7.732   1.00 18.17 ? 33  GLU A CD  1 
ATOM   247 O OE1 . GLU A 1 33 ? -0.328  -0.194  8.203   1.00 18.62 ? 33  GLU A OE1 1 
ATOM   248 O OE2 . GLU A 1 33 ? -1.903  1.280   8.434   1.00 17.48 ? 33  GLU A OE2 1 
ATOM   249 N N   . LYS A 1 34 ? -5.695  0.386   4.498   1.00 10.09 ? 34  LYS A N   1 
ATOM   250 C CA  . LYS A 1 34 ? -7.112  0.101   4.360   1.00 9.95  ? 34  LYS A CA  1 
ATOM   251 C C   . LYS A 1 34 ? -7.433  -0.294  2.905   1.00 11.53 ? 34  LYS A C   1 
ATOM   252 O O   . LYS A 1 34 ? -8.208  -1.248  2.656   1.00 11.52 ? 34  LYS A O   1 
ATOM   253 C CB  . LYS A 1 34 ? -7.924  1.318   4.768   1.00 11.88 ? 34  LYS A CB  1 
ATOM   254 C CG  . LYS A 1 34 ? -7.800  1.637   6.248   1.00 14.86 ? 34  LYS A CG  1 
ATOM   255 C CD  . LYS A 1 34 ? -8.312  0.458   7.108   1.00 19.29 ? 34  LYS A CD  1 
ATOM   256 C CE  . LYS A 1 34 ? -8.209  0.763   8.597   1.00 21.06 ? 34  LYS A CE  1 
ATOM   257 N NZ  . LYS A 1 34 ? -8.798  -0.339  9.338   1.00 21.98 ? 34  LYS A NZ  1 
ATOM   258 N N   . LYS A 1 35 ? -6.840  0.404   1.939   1.00 11.49 ? 35  LYS A N   1 
ATOM   259 C CA  . LYS A 1 35 ? -7.099  0.058   0.541   1.00 13.36 ? 35  LYS A CA  1 
ATOM   260 C C   . LYS A 1 35 ? -6.553  -1.324  0.251   1.00 13.48 ? 35  LYS A C   1 
ATOM   261 O O   . LYS A 1 35 ? -7.244  -2.149  -0.380  1.00 12.62 ? 35  LYS A O   1 
ATOM   262 C CB  . LYS A 1 35 ? -6.511  1.090   -0.406  1.00 19.33 ? 35  LYS A CB  1 
ATOM   263 C CG  . LYS A 1 35 ? -7.582  2.083   -0.936  1.00 28.50 ? 35  LYS A CG  1 
ATOM   264 C CD  . LYS A 1 35 ? -8.103  1.733   -2.389  1.00 34.99 ? 35  LYS A CD  1 
ATOM   265 C CE  . LYS A 1 35 ? -8.659  0.298   -2.595  1.00 37.17 ? 35  LYS A CE  1 
ATOM   266 N NZ  . LYS A 1 35 ? -8.889  0.052   -4.061  1.00 37.86 ? 35  LYS A NZ  1 
ATOM   267 N N   . LEU A 1 36 ? -5.380  -1.624  0.831   1.00 13.55 ? 36  LEU A N   1 
ATOM   268 C CA  . LEU A 1 36 ? -4.755  -2.944  0.654   1.00 13.43 ? 36  LEU A CA  1 
ATOM   269 C C   . LEU A 1 36 ? -5.675  -4.024  1.257   1.00 13.15 ? 36  LEU A C   1 
ATOM   270 O O   . LEU A 1 36 ? -5.892  -5.060  0.644   1.00 14.91 ? 36  LEU A O   1 
ATOM   271 C CB  . LEU A 1 36 ? -3.359  -3.000  1.264   1.00 13.88 ? 36  LEU A CB  1 
ATOM   272 C CG  . LEU A 1 36 ? -2.754  -4.401  1.239   1.00 13.38 ? 36  LEU A CG  1 
ATOM   273 C CD1 . LEU A 1 36 ? -2.658  -4.911  -0.196  1.00 13.42 ? 36  LEU A CD1 1 
ATOM   274 C CD2 . LEU A 1 36 ? -1.377  -4.331  1.981   1.00 12.13 ? 36  LEU A CD2 1 
ATOM   275 N N   . ALA A 1 37 ? -6.265  -3.766  2.412   1.00 12.09 ? 37  ALA A N   1 
ATOM   276 C CA  . ALA A 1 37 ? -7.174  -4.721  2.987   1.00 12.15 ? 37  ALA A CA  1 
ATOM   277 C C   . ALA A 1 37 ? -8.409  -4.890  2.101   1.00 12.51 ? 37  ALA A C   1 
ATOM   278 O O   . ALA A 1 37 ? -8.952  -6.023  1.956   1.00 11.83 ? 37  ALA A O   1 
ATOM   279 C CB  . ALA A 1 37 ? -7.621  -4.286  4.385   1.00 13.51 ? 37  ALA A CB  1 
ATOM   280 N N   . ALA A 1 38 ? -8.888  -3.781  1.521   1.00 12.03 ? 38  ALA A N   1 
ATOM   281 C CA  . ALA A 1 38 ? -10.073 -3.865  0.663   1.00 10.72 ? 38  ALA A CA  1 
ATOM   282 C C   . ALA A 1 38 ? -9.762  -4.703  -0.574  1.00 11.35 ? 38  ALA A C   1 
ATOM   283 O O   . ALA A 1 38 ? -10.611 -5.449  -1.040  1.00 12.07 ? 38  ALA A O   1 
ATOM   284 C CB  . ALA A 1 38 ? -10.579 -2.502  0.282   1.00 10.94 ? 38  ALA A CB  1 
ATOM   285 N N   . LEU A 1 39 ? -8.552  -4.587  -1.110  1.00 10.75 ? 39  LEU A N   1 
ATOM   286 C CA  . LEU A 1 39 ? -8.219  -5.406  -2.253  1.00 11.60 ? 39  LEU A CA  1 
ATOM   287 C C   . LEU A 1 39 ? -8.200  -6.874  -1.882  1.00 11.54 ? 39  LEU A C   1 
ATOM   288 O O   . LEU A 1 39 ? -8.676  -7.708  -2.640  1.00 11.82 ? 39  LEU A O   1 
ATOM   289 C CB  . LEU A 1 39 ? -6.894  -4.974  -2.894  1.00 13.42 ? 39  LEU A CB  1 
ATOM   290 C CG  . LEU A 1 39 ? -6.837  -3.569  -3.525  1.00 14.71 ? 39  LEU A CG  1 
ATOM   291 C CD1 . LEU A 1 39 ? -5.417  -3.439  -4.105  1.00 15.45 ? 39  LEU A CD1 1 
ATOM   292 C CD2 . LEU A 1 39 ? -7.934  -3.345  -4.626  1.00 12.77 ? 39  LEU A CD2 1 
ATOM   293 N N   . LYS A 1 40 ? -7.649  -7.211  -0.716  1.00 11.48 ? 40  LYS A N   1 
ATOM   294 C CA  . LYS A 1 40 ? -7.634  -8.605  -0.286  1.00 12.01 ? 40  LYS A CA  1 
ATOM   295 C C   . LYS A 1 40 ? -9.043  -9.117  -0.135  1.00 11.92 ? 40  LYS A C   1 
ATOM   296 O O   . LYS A 1 40 ? -9.333  -10.260 -0.475  1.00 11.66 ? 40  LYS A O   1 
ATOM   297 C CB  . LYS A 1 40 ? -6.875  -8.749  1.030   1.00 13.74 ? 40  LYS A CB  1 
ATOM   298 C CG  . LYS A 1 40 ? -5.366  -8.440  0.839   1.00 18.99 ? 40  LYS A CG  1 
ATOM   299 C CD  . LYS A 1 40 ? -4.544  -8.540  2.151   1.00 21.87 ? 40  LYS A CD  1 
ATOM   300 C CE  . LYS A 1 40 ? -4.824  -9.858  2.884   1.00 25.92 ? 40  LYS A CE  1 
ATOM   301 N NZ  . LYS A 1 40 ? -4.127  -10.959 2.148   1.00 29.26 ? 40  LYS A NZ  1 
ATOM   302 N N   . SER A 1 41 ? -9.935  -8.278  0.371   1.00 12.39 ? 41  SER A N   1 
ATOM   303 C CA  . SER A 1 41 ? -11.310 -8.690  0.538   1.00 13.39 ? 41  SER A CA  1 
ATOM   304 C C   . SER A 1 41 ? -11.982 -8.928  -0.819  1.00 13.75 ? 41  SER A C   1 
ATOM   305 O O   . SER A 1 41 ? -12.721 -9.896  -0.986  1.00 13.23 ? 41  SER A O   1 
ATOM   306 C CB  . SER A 1 41 ? -12.089 -7.635  1.355   1.00 15.62 ? 41  SER A CB  1 
ATOM   307 O OG  . SER A 1 41 ? -11.625 -7.680  2.680   1.00 17.36 ? 41  SER A OG  1 
ATOM   308 N N   . LYS A 1 42 ? -11.753 -8.003  -1.755  1.00 14.10 ? 42  LYS A N   1 
ATOM   309 C CA  . LYS A 1 42 ? -12.321 -8.093  -3.114  1.00 15.08 ? 42  LYS A CA  1 
ATOM   310 C C   . LYS A 1 42 ? -11.832 -9.403  -3.751  1.00 14.23 ? 42  LYS A C   1 
ATOM   311 O O   . LYS A 1 42 ? -12.620 -10.135 -4.363  1.00 13.72 ? 42  LYS A O   1 
ATOM   312 C CB  . LYS A 1 42 ? -11.896 -6.872  -3.951  1.00 18.69 ? 42  LYS A CB  1 
ATOM   313 C CG  . LYS A 1 42 ? -12.445 -6.902  -5.358  1.00 28.00 ? 42  LYS A CG  1 
ATOM   314 C CD  . LYS A 1 42 ? -13.990 -6.798  -5.329  1.00 32.02 ? 42  LYS A CD  1 
ATOM   315 C CE  . LYS A 1 42 ? -14.657 -7.251  -6.624  1.00 34.97 ? 42  LYS A CE  1 
ATOM   316 N NZ  . LYS A 1 42 ? -16.092 -6.812  -6.498  1.00 35.23 ? 42  LYS A NZ  1 
ATOM   317 N N   . LEU A 1 43 ? -10.552 -9.728  -3.546  1.00 13.32 ? 43  LEU A N   1 
ATOM   318 C CA  . LEU A 1 43 ? -10.006 -10.984 -4.085  1.00 12.59 ? 43  LEU A CA  1 
ATOM   319 C C   . LEU A 1 43 ? -10.759 -12.188 -3.484  1.00 12.78 ? 43  LEU A C   1 
ATOM   320 O O   . LEU A 1 43 ? -11.136 -13.164 -4.195  1.00 11.55 ? 43  LEU A O   1 
ATOM   321 C CB  . LEU A 1 43 ? -8.518  -11.112 -3.755  1.00 10.88 ? 43  LEU A CB  1 
ATOM   322 C CG  . LEU A 1 43 ? -7.867  -12.412 -4.225  1.00 12.94 ? 43  LEU A CG  1 
ATOM   323 C CD1 . LEU A 1 43 ? -8.104  -12.577 -5.765  1.00 13.42 ? 43  LEU A CD1 1 
ATOM   324 C CD2 . LEU A 1 43 ? -6.395  -12.365 -3.872  1.00 13.87 ? 43  LEU A CD2 1 
ATOM   325 N N   . GLN A 1 44 ? -10.923 -12.157 -2.165  1.00 12.89 ? 44  GLN A N   1 
ATOM   326 C CA  . GLN A 1 44 ? -11.639 -13.261 -1.529  1.00 14.21 ? 44  GLN A CA  1 
ATOM   327 C C   . GLN A 1 44 ? -13.113 -13.405 -2.052  1.00 15.19 ? 44  GLN A C   1 
ATOM   328 O O   . GLN A 1 44 ? -13.632 -14.521 -2.235  1.00 16.03 ? 44  GLN A O   1 
ATOM   329 C CB  . GLN A 1 44 ? -11.625 -13.100 -0.002  1.00 14.68 ? 44  GLN A CB  1 
ATOM   330 C CG  . GLN A 1 44 ? -12.411 -14.173 0.700   1.00 19.47 ? 44  GLN A CG  1 
ATOM   331 C CD  . GLN A 1 44 ? -11.782 -15.538 0.625   1.00 25.83 ? 44  GLN A CD  1 
ATOM   332 O OE1 . GLN A 1 44 ? -10.630 -15.677 0.246   1.00 26.66 ? 44  GLN A OE1 1 
ATOM   333 N NE2 . GLN A 1 44 ? -12.543 -16.571 1.020   1.00 29.27 ? 44  GLN A NE2 1 
ATOM   334 N N   . ALA A 1 45 ? -13.770 -12.270 -2.298  1.00 15.51 ? 45  ALA A N   1 
ATOM   335 C CA  . ALA A 1 45 ? -15.140 -12.242 -2.815  1.00 15.54 ? 45  ALA A CA  1 
ATOM   336 C C   . ALA A 1 45 ? -15.121 -12.917 -4.198  1.00 16.55 ? 45  ALA A C   1 
ATOM   337 O O   . ALA A 1 45 ? -16.009 -13.728 -4.478  1.00 17.80 ? 45  ALA A O   1 
ATOM   338 C CB  . ALA A 1 45 ? -15.623 -10.816 -2.917  1.00 13.17 ? 45  ALA A CB  1 
ATOM   339 N N   . LEU A 1 46 ? -14.085 -12.630 -5.016  1.00 15.87 ? 46  LEU A N   1 
ATOM   340 C CA  . LEU A 1 46 ? -13.937 -13.200 -6.368  1.00 17.05 ? 46  LEU A CA  1 
ATOM   341 C C   . LEU A 1 46 ? -13.813 -14.716 -6.324  1.00 18.57 ? 46  LEU A C   1 
ATOM   342 O O   . LEU A 1 46 ? -14.329 -15.400 -7.218  1.00 17.96 ? 46  LEU A O   1 
ATOM   343 C CB  . LEU A 1 46 ? -12.712 -12.629 -7.098  1.00 17.29 ? 46  LEU A CB  1 
ATOM   344 C CG  . LEU A 1 46 ? -12.823 -11.254 -7.714  1.00 17.01 ? 46  LEU A CG  1 
ATOM   345 C CD1 . LEU A 1 46 ? -11.534 -10.853 -8.454  1.00 19.11 ? 46  LEU A CD1 1 
ATOM   346 C CD2 . LEU A 1 46 ? -13.963 -11.323 -8.711  1.00 18.55 ? 46  LEU A CD2 1 
ATOM   347 N N   . LYS A 1 47 ? -13.086 -15.224 -5.321  1.00 19.75 ? 47  LYS A N   1 
ATOM   348 C CA  . LYS A 1 47 ? -12.919 -16.658 -5.149  1.00 22.82 ? 47  LYS A CA  1 
ATOM   349 C C   . LYS A 1 47 ? -14.233 -17.336 -4.786  1.00 24.64 ? 47  LYS A C   1 
ATOM   350 O O   . LYS A 1 47 ? -14.423 -18.493 -5.145  1.00 26.13 ? 47  LYS A O   1 
ATOM   351 C CB  . LYS A 1 47 ? -11.897 -16.995 -4.079  1.00 24.52 ? 47  LYS A CB  1 
ATOM   352 C CG  . LYS A 1 47 ? -10.474 -16.661 -4.428  1.00 25.49 ? 47  LYS A CG  1 
ATOM   353 C CD  . LYS A 1 47 ? -9.615  -17.024 -3.233  1.00 29.30 ? 47  LYS A CD  1 
ATOM   354 C CE  . LYS A 1 47 ? -8.251  -16.479 -3.367  1.00 29.87 ? 47  LYS A CE  1 
ATOM   355 N NZ  . LYS A 1 47 ? -7.531  -16.941 -2.162  1.00 34.26 ? 47  LYS A NZ  1 
ATOM   356 N N   . GLY A 1 48 ? -15.127 -16.664 -4.065  1.00 24.83 ? 48  GLY A N   1 
ATOM   357 C CA  . GLY A 1 48 ? -16.403 -17.288 -3.728  1.00 25.46 ? 48  GLY A CA  1 
ATOM   358 C C   . GLY A 1 48 ? -17.140 -17.812 -4.969  1.00 25.88 ? 48  GLY A C   1 
ATOM   359 N N   . SER B 1 1  ? 0.830   -7.766  2.962   1.00 27.69 ? 1   SER B N   1 
ATOM   360 C CA  . SER B 1 1  ? 1.787   -6.689  2.629   1.00 26.68 ? 1   SER B CA  1 
ATOM   361 C C   . SER B 1 1  ? 1.566   -6.412  1.131   1.00 26.00 ? 1   SER B C   1 
ATOM   362 O O   . SER B 1 1  ? 0.850   -7.158  0.503   1.00 25.94 ? 1   SER B O   1 
ATOM   363 C CB  . SER B 1 1  ? 3.188   -7.218  2.922   1.00 27.95 ? 1   SER B CB  1 
ATOM   364 O OG  . SER B 1 1  ? 3.601   -8.244  2.022   1.00 27.53 ? 1   SER B OG  1 
ATOM   365 N N   . LEU B 1 2  ? 2.108   -5.350  0.538   1.00 24.97 ? 2   LEU B N   1 
ATOM   366 C CA  . LEU B 1 2  ? 1.858   -5.171  -0.897  1.00 24.37 ? 2   LEU B CA  1 
ATOM   367 C C   . LEU B 1 2  ? 2.521   -6.339  -1.627  1.00 23.80 ? 2   LEU B C   1 
ATOM   368 O O   . LEU B 1 2  ? 1.906   -6.961  -2.519  1.00 22.07 ? 2   LEU B O   1 
ATOM   369 C CB  . LEU B 1 2  ? 2.451   -3.872  -1.433  1.00 23.14 ? 2   LEU B CB  1 
ATOM   370 C CG  . LEU B 1 2  ? 1.878   -2.657  -0.746  1.00 22.71 ? 2   LEU B CG  1 
ATOM   371 C CD1 . LEU B 1 2  ? 2.704   -1.472  -1.077  1.00 22.11 ? 2   LEU B CD1 1 
ATOM   372 C CD2 . LEU B 1 2  ? 0.436   -2.487  -1.206  1.00 22.92 ? 2   LEU B CD2 1 
ATOM   373 N N   . ALA B 1 3  ? 3.765   -6.646  -1.225  1.00 23.25 ? 3   ALA B N   1 
ATOM   374 C CA  . ALA B 1 3  ? 4.525   -7.741  -1.852  1.00 22.51 ? 3   ALA B CA  1 
ATOM   375 C C   . ALA B 1 3  ? 3.775   -9.097  -1.758  1.00 21.22 ? 3   ALA B C   1 
ATOM   376 O O   . ALA B 1 3  ? 3.699   -9.848  -2.734  1.00 21.72 ? 3   ALA B O   1 
ATOM   377 C CB  . ALA B 1 3  ? 5.900   -7.842  -1.220  1.00 23.30 ? 3   ALA B CB  1 
ATOM   378 N N   . ALA B 1 4  ? 3.130   -9.344  -0.634  1.00 19.20 ? 4   ALA B N   1 
ATOM   379 C CA  . ALA B 1 4  ? 2.415   -10.574 -0.475  1.00 19.42 ? 4   ALA B CA  1 
ATOM   380 C C   . ALA B 1 4  ? 1.217   -10.663 -1.409  1.00 19.48 ? 4   ALA B C   1 
ATOM   381 O O   . ALA B 1 4  ? 0.946   -11.715 -1.977  1.00 19.93 ? 4   ALA B O   1 
ATOM   382 C CB  . ALA B 1 4  ? 1.932   -10.740 0.952   1.00 18.52 ? 4   ALA B CB  1 
ATOM   383 N N   . LEU B 1 5  ? 0.427   -9.605  -1.489  1.00 18.22 ? 5   LEU B N   1 
ATOM   384 C CA  . LEU B 1 5  ? -0.756  -9.697  -2.308  1.00 16.79 ? 5   LEU B CA  1 
ATOM   385 C C   . LEU B 1 5  ? -0.320  -9.771  -3.751  1.00 16.95 ? 5   LEU B C   1 
ATOM   386 O O   . LEU B 1 5  ? -0.961  -10.456 -4.534  1.00 15.83 ? 5   LEU B O   1 
ATOM   387 C CB  . LEU B 1 5  ? -1.722  -8.550  -2.032  1.00 16.41 ? 5   LEU B CB  1 
ATOM   388 C CG  . LEU B 1 5  ? -2.922  -8.431  -2.991  1.00 16.77 ? 5   LEU B CG  1 
ATOM   389 C CD1 . LEU B 1 5  ? -3.811  -9.644  -2.794  1.00 14.05 ? 5   LEU B CD1 1 
ATOM   390 C CD2 . LEU B 1 5  ? -3.688  -7.120  -2.742  1.00 15.20 ? 5   LEU B CD2 1 
ATOM   391 N N   . LYS B 1 6  ? 0.787   -9.103  -4.091  1.00 17.34 ? 6   LYS B N   1 
ATOM   392 C CA  . LYS B 1 6  ? 1.303   -9.126  -5.444  1.00 18.95 ? 6   LYS B CA  1 
ATOM   393 C C   . LYS B 1 6  ? 1.589   -10.568 -5.827  1.00 19.12 ? 6   LYS B C   1 
ATOM   394 O O   . LYS B 1 6  ? 1.140   -11.017 -6.897  1.00 18.99 ? 6   LYS B O   1 
ATOM   395 C CB  . LYS B 1 6  ? 2.589   -8.308  -5.558  1.00 21.76 ? 6   LYS B CB  1 
ATOM   396 C CG  . LYS B 1 6  ? 3.168   -8.239  -6.942  1.00 26.79 ? 6   LYS B CG  1 
ATOM   397 C CD  . LYS B 1 6  ? 4.263   -7.189  -7.013  1.00 32.95 ? 6   LYS B CD  1 
ATOM   398 C CE  . LYS B 1 6  ? 4.906   -7.230  -8.370  1.00 37.39 ? 6   LYS B CE  1 
ATOM   399 N NZ  . LYS B 1 6  ? 5.912   -6.144  -8.560  1.00 40.23 ? 6   LYS B NZ  1 
ATOM   400 N N   . SER B 1 7  ? 2.290   -11.297 -4.950  1.00 18.08 ? 7   SER B N   1 
ATOM   401 C CA  . SER B 1 7  ? 2.614   -12.725 -5.222  1.00 19.76 ? 7   SER B CA  1 
ATOM   402 C C   . SER B 1 7  ? 1.376   -13.615 -5.367  1.00 18.60 ? 7   SER B C   1 
ATOM   403 O O   . SER B 1 7  ? 1.295   -14.518 -6.242  1.00 17.71 ? 7   SER B O   1 
ATOM   404 C CB  . SER B 1 7  ? 3.513   -13.288 -4.114  1.00 21.97 ? 7   SER B CB  1 
ATOM   405 O OG  . SER B 1 7  ? 4.753   -12.575 -4.172  1.00 28.53 ? 7   SER B OG  1 
ATOM   406 N N   . GLU B 1 8  ? 0.413   -13.348 -4.502  1.00 17.52 ? 8   GLU B N   1 
ATOM   407 C CA  . GLU B 1 8  ? -0.806  -14.108 -4.530  1.00 18.31 ? 8   GLU B CA  1 
ATOM   408 C C   . GLU B 1 8  ? -1.553  -13.887 -5.869  1.00 17.41 ? 8   GLU B C   1 
ATOM   409 O O   . GLU B 1 8  ? -2.037  -14.839 -6.500  1.00 15.68 ? 8   GLU B O   1 
ATOM   410 C CB  . GLU B 1 8  ? -1.635  -13.728 -3.334  1.00 20.77 ? 8   GLU B CB  1 
ATOM   411 C CG  . GLU B 1 8  ? -2.992  -14.250 -3.488  1.00 28.08 ? 8   GLU B CG  1 
ATOM   412 C CD  . GLU B 1 8  ? -3.718  -14.363 -2.189  1.00 33.78 ? 8   GLU B CD  1 
ATOM   413 O OE1 . GLU B 1 8  ? -4.670  -15.220 -2.194  1.00 35.44 ? 8   GLU B OE1 1 
ATOM   414 O OE2 . GLU B 1 8  ? -3.348  -13.615 -1.221  1.00 31.53 ? 8   GLU B OE2 1 
ATOM   415 N N   . LEU B 1 9  ? -1.600  -12.632 -6.321  1.00 15.57 ? 9   LEU B N   1 
ATOM   416 C CA  . LEU B 1 9  ? -2.239  -12.330 -7.601  1.00 14.10 ? 9   LEU B CA  1 
ATOM   417 C C   . LEU B 1 9  ? -1.481  -13.048 -8.741  1.00 13.87 ? 9   LEU B C   1 
ATOM   418 O O   . LEU B 1 9  ? -2.110  -13.596 -9.664  1.00 12.47 ? 9   LEU B O   1 
ATOM   419 C CB  . LEU B 1 9  ? -2.310  -10.806 -7.827  1.00 12.81 ? 9   LEU B CB  1 
ATOM   420 C CG  . LEU B 1 9  ? -3.270  -10.026 -6.914  1.00 14.30 ? 9   LEU B CG  1 
ATOM   421 C CD1 . LEU B 1 9  ? -3.227  -8.549  -7.209  1.00 12.03 ? 9   LEU B CD1 1 
ATOM   422 C CD2 . LEU B 1 9  ? -4.697  -10.519 -7.092  1.00 16.89 ? 9   LEU B CD2 1 
ATOM   423 N N   . GLN B 1 10 ? -0.145  -12.985 -8.695  1.00 13.75 ? 10  GLN B N   1 
ATOM   424 C CA  . GLN B 1 10 ? 0.696   -13.627 -9.703  1.00 15.28 ? 10  GLN B CA  1 
ATOM   425 C C   . GLN B 1 10 ? 0.428   -15.142 -9.698  1.00 16.28 ? 10  GLN B C   1 
ATOM   426 O O   . GLN B 1 10 ? 0.331   -15.783 -10.772 1.00 16.67 ? 10  GLN B O   1 
ATOM   427 C CB  . GLN B 1 10 ? 2.177   -13.356 -9.434  1.00 17.99 ? 10  GLN B CB  1 
ATOM   428 C CG  . GLN B 1 10 ? 2.583   -11.928 -9.798  1.00 22.18 ? 10  GLN B CG  1 
ATOM   429 C CD  . GLN B 1 10 ? 3.953   -11.549 -9.293  1.00 26.16 ? 10  GLN B CD  1 
ATOM   430 O OE1 . GLN B 1 10 ? 4.428   -12.063 -8.260  1.00 30.63 ? 10  GLN B OE1 1 
ATOM   431 N NE2 . GLN B 1 10 ? 4.600   -10.625 -10.004 1.00 26.93 ? 10  GLN B NE2 1 
ATOM   432 N N   . ALA B 1 11 ? 0.238   -15.724 -8.514  1.00 14.96 ? 11  ALA B N   1 
ATOM   433 C CA  . ALA B 1 11 ? -0.036  -17.162 -8.451  1.00 15.37 ? 11  ALA B CA  1 
ATOM   434 C C   . ALA B 1 11 ? -1.410  -17.494 -9.075  1.00 14.84 ? 11  ALA B C   1 
ATOM   435 O O   . ALA B 1 11 ? -1.570  -18.448 -9.818  1.00 15.41 ? 11  ALA B O   1 
ATOM   436 C CB  . ALA B 1 11 ? 0.066   -17.656 -6.991  1.00 15.71 ? 11  ALA B CB  1 
ATOM   437 N N   . LEU B 1 12 ? -2.395  -16.669 -8.828  1.00 13.36 ? 12  LEU B N   1 
ATOM   438 C CA  . LEU B 1 12 ? -3.718  -16.882 -9.427  1.00 13.62 ? 12  LEU B CA  1 
ATOM   439 C C   . LEU B 1 12 ? -3.737  -16.646 -10.964 1.00 12.85 ? 12  LEU B C   1 
ATOM   440 O O   . LEU B 1 12 ? -4.471  -17.335 -11.691 1.00 12.85 ? 12  LEU B O   1 
ATOM   441 C CB  . LEU B 1 12 ? -4.753  -15.978 -8.726  1.00 16.22 ? 12  LEU B CB  1 
ATOM   442 C CG  . LEU B 1 12 ? -5.121  -16.500 -7.332  1.00 18.19 ? 12  LEU B CG  1 
ATOM   443 C CD1 . LEU B 1 12 ? -5.724  -15.373 -6.541  1.00 18.53 ? 12  LEU B CD1 1 
ATOM   444 C CD2 . LEU B 1 12 ? -6.070  -17.671 -7.478  1.00 16.25 ? 12  LEU B CD2 1 
ATOM   445 N N   . LYS B 1 13 ? -2.945  -15.689 -11.443 1.00 12.26 ? 13  LYS B N   1 
ATOM   446 C CA  . LYS B 1 13 ? -2.836  -15.467 -12.873 1.00 12.35 ? 13  LYS B CA  1 
ATOM   447 C C   . LYS B 1 13 ? -2.322  -16.736 -13.600 1.00 13.03 ? 13  LYS B C   1 
ATOM   448 O O   . LYS B 1 13 ? -2.802  -17.086 -14.683 1.00 13.26 ? 13  LYS B O   1 
ATOM   449 C CB  . LYS B 1 13 ? -1.859  -14.333 -13.135 1.00 13.20 ? 13  LYS B CB  1 
ATOM   450 C CG  . LYS B 1 13 ? -2.473  -13.021 -13.035 1.00 15.13 ? 13  LYS B CG  1 
ATOM   451 C CD  . LYS B 1 13 ? -1.699  -11.999 -13.913 1.00 16.85 ? 13  LYS B CD  1 
ATOM   452 C CE  . LYS B 1 13 ? -0.242  -11.869 -13.503 1.00 16.54 ? 13  LYS B CE  1 
ATOM   453 N NZ  . LYS B 1 13 ? 0.375   -10.631 -14.008 1.00 13.85 ? 13  LYS B NZ  1 
ATOM   454 N N   . LYS B 1 14 ? -1.364  -17.436 -12.981 1.00 14.28 ? 14  LYS B N   1 
ATOM   455 C CA  . LYS B 1 14 ? -0.766  -18.653 -13.526 1.00 15.04 ? 14  LYS B CA  1 
ATOM   456 C C   . LYS B 1 14 ? -1.779  -19.763 -13.633 1.00 15.56 ? 14  LYS B C   1 
ATOM   457 O O   . LYS B 1 14 ? -1.494  -20.803 -14.238 1.00 16.66 ? 14  LYS B O   1 
ATOM   458 C CB  . LYS B 1 14 ? 0.427   -19.120 -12.663 1.00 14.59 ? 14  LYS B CB  1 
ATOM   459 C CG  . LYS B 1 14 ? 1.563   -18.106 -12.629 1.00 20.62 ? 14  LYS B CG  1 
ATOM   460 C CD  . LYS B 1 14 ? 2.740   -18.514 -11.716 1.00 26.24 ? 14  LYS B CD  1 
ATOM   461 C CE  . LYS B 1 14 ? 3.262   -19.881 -12.143 1.00 33.49 ? 14  LYS B CE  1 
ATOM   462 N NZ  . LYS B 1 14 ? 4.173   -20.609 -11.174 1.00 36.98 ? 14  LYS B NZ  1 
ATOM   463 N N   . GLU B 1 15 ? -2.920  -19.578 -12.964 1.00 15.40 ? 15  GLU B N   1 
ATOM   464 C CA  . GLU B 1 15 ? -4.025  -20.512 -12.992 1.00 16.21 ? 15  GLU B CA  1 
ATOM   465 C C   . GLU B 1 15 ? -5.192  -20.019 -13.859 1.00 14.99 ? 15  GLU B C   1 
ATOM   466 O O   . GLU B 1 15 ? -6.231  -20.659 -13.926 1.00 15.02 ? 15  GLU B O   1 
ATOM   467 C CB  . GLU B 1 15 ? -4.512  -20.790 -11.590 1.00 19.84 ? 15  GLU B CB  1 
ATOM   468 C CG  . GLU B 1 15 ? -3.473  -21.494 -10.695 1.00 27.08 ? 15  GLU B CG  1 
ATOM   469 C CD  . GLU B 1 15 ? -3.919  -21.553 -9.205  1.00 36.92 ? 15  GLU B CD  1 
ATOM   470 O OE1 . GLU B 1 15 ? -5.171  -21.547 -8.903  1.00 40.05 ? 15  GLU B OE1 1 
ATOM   471 O OE2 . GLU B 1 15 ? -3.002  -21.591 -8.328  1.00 40.03 ? 15  GLU B OE2 1 
ATOM   472 N N   . GLY B 1 16 ? -5.017  -18.907 -14.568 1.00 14.48 ? 16  GLY B N   1 
ATOM   473 C CA  . GLY B 1 16 ? -6.089  -18.388 -15.433 1.00 13.13 ? 16  GLY B CA  1 
ATOM   474 C C   . GLY B 1 16 ? -7.327  -17.930 -14.676 1.00 13.08 ? 16  GLY B C   1 
ATOM   475 O O   . GLY B 1 16 ? -8.379  -17.860 -15.259 1.00 13.08 ? 16  GLY B O   1 
ATOM   476 N N   . PHE B 1 17 ? -7.184  -17.574 -13.392 1.00 12.69 ? 17  PHE B N   1 
ATOM   477 C CA  . PHE B 1 17 ? -8.315  -17.179 -12.542 1.00 13.49 ? 17  PHE B CA  1 
ATOM   478 C C   . PHE B 1 17 ? -8.872  -15.799 -12.912 1.00 13.53 ? 17  PHE B C   1 
ATOM   479 O O   . PHE B 1 17 ? -8.063  -14.883 -13.114 1.00 12.43 ? 17  PHE B O   1 
ATOM   480 C CB  . PHE B 1 17 ? -7.858  -17.158 -11.073 1.00 15.10 ? 17  PHE B CB  1 
ATOM   481 C CG  . PHE B 1 17 ? -8.913  -16.719 -10.127 1.00 17.81 ? 17  PHE B CG  1 
ATOM   482 C CD1 . PHE B 1 17 ? -10.006 -17.547 -9.868  1.00 18.81 ? 17  PHE B CD1 1 
ATOM   483 C CD2 . PHE B 1 17 ? -8.855  -15.447 -9.524  1.00 21.35 ? 17  PHE B CD2 1 
ATOM   484 C CE1 . PHE B 1 17 ? -11.024 -17.124 -9.035  1.00 21.96 ? 17  PHE B CE1 1 
ATOM   485 C CE2 . PHE B 1 17 ? -9.892  -15.011 -8.674  1.00 20.89 ? 17  PHE B CE2 1 
ATOM   486 C CZ  . PHE B 1 17 ? -10.968 -15.831 -8.430  1.00 20.92 ? 17  PHE B CZ  1 
ATOM   487 N N   . SER B 1 18 ? -10.214 -15.711 -13.065 1.00 12.89 ? 18  SER B N   1 
ATOM   488 C CA  . SER B 1 18 ? -10.993 -14.471 -13.375 1.00 12.46 ? 18  SER B CA  1 
ATOM   489 C C   . SER B 1 18 ? -10.040 -13.392 -13.958 1.00 11.97 ? 18  SER B C   1 
ATOM   490 O O   . SER B 1 18 ? -9.811  -12.328 -13.333 1.00 11.38 ? 18  SER B O   1 
ATOM   491 C CB  . SER B 1 18 ? -11.591 -13.979 -12.039 1.00 14.22 ? 18  SER B CB  1 
ATOM   492 O OG  . SER B 1 18 ? -12.567 -12.952 -12.172 1.00 16.29 ? 18  SER B OG  1 
ATOM   493 N N   . PRO B 1 19 ? -9.546  -13.624 -15.197 1.00 13.02 ? 19  PRO B N   1 
ATOM   494 C CA  . PRO B 1 19 ? -8.583  -12.693 -15.827 1.00 13.43 ? 19  PRO B CA  1 
ATOM   495 C C   . PRO B 1 19 ? -8.872  -11.218 -15.836 1.00 13.33 ? 19  PRO B C   1 
ATOM   496 O O   . PRO B 1 19 ? -8.034  -10.440 -15.415 1.00 13.50 ? 19  PRO B O   1 
ATOM   497 C CB  . PRO B 1 19 ? -8.370  -13.268 -17.246 1.00 14.81 ? 19  PRO B CB  1 
ATOM   498 C CG  . PRO B 1 19 ? -8.852  -14.642 -17.193 1.00 17.47 ? 19  PRO B CG  1 
ATOM   499 C CD  . PRO B 1 19 ? -9.923  -14.722 -16.118 1.00 13.23 ? 19  PRO B CD  1 
ATOM   500 N N   . GLU B 1 20 ? -10.081 -10.840 -16.238 1.00 13.29 ? 20  GLU B N   1 
ATOM   501 C CA  . GLU B 1 20 ? -10.449 -9.428  -16.316 1.00 13.33 ? 20  GLU B CA  1 
ATOM   502 C C   . GLU B 1 20 ? -10.477 -8.828  -14.910 1.00 13.06 ? 20  GLU B C   1 
ATOM   503 O O   . GLU B 1 20 ? -9.923  -7.755  -14.680 1.00 12.44 ? 20  GLU B O   1 
ATOM   504 C CB  . GLU B 1 20 ? -11.831 -9.231  -16.977 1.00 16.61 ? 20  GLU B CB  1 
ATOM   505 C CG  . GLU B 1 20 ? -11.987 -9.690  -18.431 1.00 24.68 ? 20  GLU B CG  1 
ATOM   506 C CD  . GLU B 1 20 ? -12.068 -11.197 -18.578 1.00 34.48 ? 20  GLU B CD  1 
ATOM   507 O OE1 . GLU B 1 20 ? -11.879 -11.637 -19.744 1.00 39.52 ? 20  GLU B OE1 1 
ATOM   508 O OE2 . GLU B 1 20 ? -12.305 -11.956 -17.570 1.00 34.59 ? 20  GLU B OE2 1 
ATOM   509 N N   . GLU B 1 21 ? -11.140 -9.497  -13.975 1.00 11.53 ? 21  GLU B N   1 
ATOM   510 C CA  . GLU B 1 21 ? -11.198 -8.958  -12.642 1.00 12.59 ? 21  GLU B CA  1 
ATOM   511 C C   . GLU B 1 21 ? -9.805  -8.885  -12.050 1.00 12.73 ? 21  GLU B C   1 
ATOM   512 O O   . GLU B 1 21 ? -9.479  -7.912  -11.387 1.00 13.07 ? 21  GLU B O   1 
ATOM   513 C CB  . GLU B 1 21 ? -12.100 -9.811  -11.736 1.00 14.66 ? 21  GLU B CB  1 
ATOM   514 C CG  . GLU B 1 21 ? -13.544 -9.773  -12.117 1.00 15.96 ? 21  GLU B CG  1 
ATOM   515 C CD  . GLU B 1 21 ? -14.328 -8.590  -11.529 1.00 19.32 ? 21  GLU B CD  1 
ATOM   516 O OE1 . GLU B 1 21 ? -13.770 -7.653  -10.886 1.00 20.01 ? 21  GLU B OE1 1 
ATOM   517 O OE2 . GLU B 1 21 ? -15.562 -8.619  -11.708 1.00 21.01 ? 21  GLU B OE2 1 
ATOM   518 N N   . LEU B 1 22 ? -8.993  -9.921  -12.248 1.00 11.43 ? 22  LEU B N   1 
ATOM   519 C CA  . LEU B 1 22 ? -7.646  -9.909  -11.667 1.00 11.90 ? 22  LEU B CA  1 
ATOM   520 C C   . LEU B 1 22 ? -6.800  -8.815  -12.235 1.00 11.32 ? 22  LEU B C   1 
ATOM   521 O O   . LEU B 1 22 ? -5.947  -8.296  -11.523 1.00 11.14 ? 22  LEU B O   1 
ATOM   522 C CB  . LEU B 1 22 ? -6.935  -11.253 -11.826 1.00 14.35 ? 22  LEU B CB  1 
ATOM   523 C CG  . LEU B 1 22 ? -6.437  -11.710 -10.470 1.00 17.07 ? 22  LEU B CG  1 
ATOM   524 C CD1 . LEU B 1 22 ? -7.687  -12.016 -9.628  1.00 19.85 ? 22  LEU B CD1 1 
ATOM   525 C CD2 . LEU B 1 22 ? -5.558  -12.936 -10.581 1.00 17.24 ? 22  LEU B CD2 1 
ATOM   526 N N   . ALA B 1 23 ? -6.975  -8.518  -13.521 1.00 9.97  ? 23  ALA B N   1 
ATOM   527 C CA  . ALA B 1 23 ? -6.243  -7.409  -14.139 1.00 11.15 ? 23  ALA B CA  1 
ATOM   528 C C   . ALA B 1 23 ? -6.587  -6.069  -13.401 1.00 11.33 ? 23  ALA B C   1 
ATOM   529 O O   . ALA B 1 23 ? -5.704  -5.209  -13.168 1.00 12.47 ? 23  ALA B O   1 
ATOM   530 C CB  . ALA B 1 23 ? -6.572  -7.299  -15.642 1.00 12.26 ? 23  ALA B CB  1 
ATOM   531 N N   . ALA B 1 24 ? -7.870  -5.883  -13.067 1.00 12.08 ? 24  ALA B N   1 
ATOM   532 C CA  . ALA B 1 24 ? -8.309  -4.692  -12.315 1.00 11.48 ? 24  ALA B CA  1 
ATOM   533 C C   . ALA B 1 24 ? -7.603  -4.668  -10.962 1.00 11.63 ? 24  ALA B C   1 
ATOM   534 O O   . ALA B 1 24 ? -6.975  -3.673  -10.603 1.00 12.04 ? 24  ALA B O   1 
ATOM   535 C CB  . ALA B 1 24 ? -9.841  -4.699  -12.113 1.00 11.64 ? 24  ALA B CB  1 
ATOM   536 N N   . LEU B 1 25 ? -7.627  -5.788  -10.227 1.00 11.87 ? 25  LEU B N   1 
ATOM   537 C CA  . LEU B 1 25 ? -6.959  -5.832  -8.936  1.00 10.77 ? 25  LEU B CA  1 
ATOM   538 C C   . LEU B 1 25 ? -5.461  -5.576  -9.058  1.00 10.22 ? 25  LEU B C   1 
ATOM   539 O O   . LEU B 1 25 ? -4.908  -4.883  -8.192  1.00 10.58 ? 25  LEU B O   1 
ATOM   540 C CB  . LEU B 1 25 ? -7.188  -7.159  -8.249  1.00 12.08 ? 25  LEU B CB  1 
ATOM   541 C CG  . LEU B 1 25 ? -8.602  -7.533  -7.845  1.00 15.26 ? 25  LEU B CG  1 
ATOM   542 C CD1 . LEU B 1 25 ? -8.519  -8.895  -7.162  1.00 15.03 ? 25  LEU B CD1 1 
ATOM   543 C CD2 . LEU B 1 25 ? -9.131  -6.489  -6.872  1.00 16.09 ? 25  LEU B CD2 1 
ATOM   544 N N   . GLU B 1 26 ? -4.789  -6.130  -10.069 1.00 10.12 ? 26  GLU B N   1 
ATOM   545 C CA  . GLU B 1 26 ? -3.363  -5.840  -10.243 1.00 12.26 ? 26  GLU B CA  1 
ATOM   546 C C   . GLU B 1 26 ? -3.082  -4.372  -10.451 1.00 12.57 ? 26  GLU B C   1 
ATOM   547 O O   . GLU B 1 26 ? -2.069  -3.844  -9.960  1.00 13.33 ? 26  GLU B O   1 
ATOM   548 C CB  . GLU B 1 26 ? -2.754  -6.576  -11.410 1.00 15.92 ? 26  GLU B CB  1 
ATOM   549 C CG  . GLU B 1 26 ? -2.479  -7.997  -11.039 1.00 20.52 ? 26  GLU B CG  1 
ATOM   550 C CD  . GLU B 1 26 ? -1.537  -8.714  -11.994 1.00 24.26 ? 26  GLU B CD  1 
ATOM   551 O OE1 . GLU B 1 26 ? -0.768  -9.586  -11.511 1.00 28.01 ? 26  GLU B OE1 1 
ATOM   552 O OE2 . GLU B 1 26 ? -1.577  -8.436  -13.200 1.00 20.49 ? 26  GLU B OE2 1 
ATOM   553 N N   . SER B 1 27 ? -3.925  -3.721  -11.245 1.00 11.92 ? 27  SER B N   1 
ATOM   554 C CA  . SER B 1 27 ? -3.742  -2.298  -11.476 1.00 12.38 ? 27  SER B CA  1 
ATOM   555 C C   . SER B 1 27 ? -4.031  -1.520  -10.195 1.00 12.50 ? 27  SER B C   1 
ATOM   556 O O   . SER B 1 27 ? -3.302  -0.587  -9.899  1.00 12.50 ? 27  SER B O   1 
ATOM   557 C CB  . SER B 1 27 ? -4.558  -1.817  -12.678 1.00 13.08 ? 27  SER B CB  1 
ATOM   558 O OG  . SER B 1 27 ? -3.957  -2.278  -13.878 1.00 13.62 ? 27  SER B OG  1 
ATOM   559 N N   . GLU B 1 28 ? -5.049  -1.904  -9.428  1.00 11.66 ? 28  GLU B N   1 
ATOM   560 C CA  . GLU B 1 28 ? -5.322  -1.259  -8.131  1.00 12.33 ? 28  GLU B CA  1 
ATOM   561 C C   . GLU B 1 28 ? -4.101  -1.450  -7.207  1.00 12.54 ? 28  GLU B C   1 
ATOM   562 O O   . GLU B 1 28 ? -3.703  -0.517  -6.474  1.00 12.40 ? 28  GLU B O   1 
ATOM   563 C CB  . GLU B 1 28 ? -6.481  -1.933  -7.420  1.00 14.44 ? 28  GLU B CB  1 
ATOM   564 C CG  . GLU B 1 28 ? -7.830  -1.807  -8.072  1.00 21.64 ? 28  GLU B CG  1 
ATOM   565 C CD  . GLU B 1 28 ? -8.493  -0.508  -7.788  1.00 28.42 ? 28  GLU B CD  1 
ATOM   566 O OE1 . GLU B 1 28 ? -8.084  0.228   -6.843  1.00 32.22 ? 28  GLU B OE1 1 
ATOM   567 O OE2 . GLU B 1 28 ? -9.447  -0.213  -8.518  1.00 32.07 ? 28  GLU B OE2 1 
ATOM   568 N N   . LEU B 1 29 ? -3.512  -2.673  -7.223  1.00 11.46 ? 29  LEU B N   1 
ATOM   569 C CA  . LEU B 1 29 ? -2.347  -2.938  -6.377  1.00 11.49 ? 29  LEU B CA  1 
ATOM   570 C C   . LEU B 1 29 ? -1.178  -2.049  -6.787  1.00 11.03 ? 29  LEU B C   1 
ATOM   571 O O   . LEU B 1 29 ? -0.514  -1.463  -5.934  1.00 10.95 ? 29  LEU B O   1 
ATOM   572 C CB  . LEU B 1 29 ? -1.986  -4.417  -6.378  1.00 12.39 ? 29  LEU B CB  1 
ATOM   573 C CG  . LEU B 1 29 ? -0.792  -4.771  -5.477  1.00 14.73 ? 29  LEU B CG  1 
ATOM   574 C CD1 . LEU B 1 29 ? -1.041  -4.291  -4.062  1.00 16.13 ? 29  LEU B CD1 1 
ATOM   575 C CD2 . LEU B 1 29 ? -0.559  -6.271  -5.485  1.00 14.89 ? 29  LEU B CD2 1 
ATOM   576 N N   . GLN B 1 30 ? -0.932  -1.925  -8.089  1.00 10.27 ? 30  GLN B N   1 
ATOM   577 C CA  . GLN B 1 30 ? 0.160   -1.080  -8.554  1.00 11.04 ? 30  GLN B CA  1 
ATOM   578 C C   . GLN B 1 30 ? -0.105  0.383   -8.180  1.00 11.69 ? 30  GLN B C   1 
ATOM   579 O O   . GLN B 1 30 ? 0.862   1.143   -7.889  1.00 12.96 ? 30  GLN B O   1 
ATOM   580 C CB  . GLN B 1 30 ? 0.344   -1.240  -10.023 1.00 13.86 ? 30  GLN B CB  1 
ATOM   581 C CG  . GLN B 1 30 ? 0.865   -2.637  -10.380 1.00 15.81 ? 30  GLN B CG  1 
ATOM   582 C CD  . GLN B 1 30 ? 0.537   -3.013  -11.822 1.00 21.25 ? 30  GLN B CD  1 
ATOM   583 O OE1 . GLN B 1 30 ? 0.137   -2.173  -12.615 1.00 19.38 ? 30  GLN B OE1 1 
ATOM   584 N NE2 . GLN B 1 30 ? 0.634   -4.304  -12.138 1.00 24.96 ? 30  GLN B NE2 1 
ATOM   585 N N   . ALA B 1 31 ? -1.382  0.789   -8.162  1.00 10.71 ? 31  ALA B N   1 
ATOM   586 C CA  . ALA B 1 31 ? -1.753  2.168   -7.738  1.00 11.20 ? 31  ALA B CA  1 
ATOM   587 C C   . ALA B 1 31 ? -1.238  2.416   -6.280  1.00 11.70 ? 31  ALA B C   1 
ATOM   588 O O   . ALA B 1 31 ? -0.672  3.480   -5.972  1.00 11.49 ? 31  ALA B O   1 
ATOM   589 C CB  . ALA B 1 31 ? -3.298  2.414   -7.832  1.00 10.38 ? 31  ALA B CB  1 
ATOM   590 N N   . LEU B 1 32 ? -1.388  1.403   -5.411  1.00 10.92 ? 32  LEU B N   1 
ATOM   591 C CA  . LEU B 1 32 ? -0.915  1.478   -4.027  1.00 10.85 ? 32  LEU B CA  1 
ATOM   592 C C   . LEU B 1 32 ? 0.606   1.527   -4.023  1.00 11.82 ? 32  LEU B C   1 
ATOM   593 O O   . LEU B 1 32 ? 1.187   2.309   -3.248  1.00 11.46 ? 32  LEU B O   1 
ATOM   594 C CB  . LEU B 1 32 ? -1.391  0.305   -3.170  1.00 13.68 ? 32  LEU B CB  1 
ATOM   595 C CG  . LEU B 1 32 ? -2.915  0.113   -3.115  1.00 14.93 ? 32  LEU B CG  1 
ATOM   596 C CD1 . LEU B 1 32 ? -3.266  -1.043  -2.224  1.00 15.41 ? 32  LEU B CD1 1 
ATOM   597 C CD2 . LEU B 1 32 ? -3.545  1.399   -2.617  1.00 16.31 ? 32  LEU B CD2 1 
ATOM   598 N N   . GLU B 1 33 ? 1.274   0.754   -4.898  1.00 11.71 ? 33  GLU B N   1 
ATOM   599 C CA  . GLU B 1 33 ? 2.749   0.834   -4.940  1.00 11.76 ? 33  GLU B CA  1 
ATOM   600 C C   . GLU B 1 33 ? 3.174   2.252   -5.359  1.00 11.33 ? 33  GLU B C   1 
ATOM   601 O O   . GLU B 1 33 ? 4.132   2.806   -4.818  1.00 10.89 ? 33  GLU B O   1 
ATOM   602 C CB  . GLU B 1 33 ? 3.324   -0.190  -5.911  1.00 15.34 ? 33  GLU B CB  1 
ATOM   603 C CG  . GLU B 1 33 ? 3.170   -1.648  -5.448  1.00 20.59 ? 33  GLU B CG  1 
ATOM   604 C CD  . GLU B 1 33 ? 3.207   -2.656  -6.626  1.00 29.72 ? 33  GLU B CD  1 
ATOM   605 O OE1 . GLU B 1 33 ? 2.841   -3.856  -6.455  1.00 35.92 ? 33  GLU B OE1 1 
ATOM   606 O OE2 . GLU B 1 33 ? 3.581   -2.260  -7.744  1.00 30.69 ? 33  GLU B OE2 1 
ATOM   607 N N   . LYS B 1 34 ? 2.424   2.874   -6.268  1.00 10.52 ? 34  LYS B N   1 
ATOM   608 C CA  . LYS B 1 34 ? 2.769   4.223   -6.713  1.00 9.75  ? 34  LYS B CA  1 
ATOM   609 C C   . LYS B 1 34 ? 2.476   5.202   -5.580  1.00 10.03 ? 34  LYS B C   1 
ATOM   610 O O   . LYS B 1 34 ? 3.239   6.161   -5.357  1.00 10.09 ? 34  LYS B O   1 
ATOM   611 C CB  . LYS B 1 34 ? 1.984   4.596   -7.974  1.00 9.07  ? 34  LYS B CB  1 
ATOM   612 C CG  . LYS B 1 34 ? 2.263   3.678   -9.119  1.00 13.72 ? 34  LYS B CG  1 
ATOM   613 C CD  . LYS B 1 34 ? 3.715   3.845   -9.588  1.00 14.59 ? 34  LYS B CD  1 
ATOM   614 C CE  . LYS B 1 34 ? 3.976   2.992   -10.866 1.00 19.10 ? 34  LYS B CE  1 
ATOM   615 N NZ  . LYS B 1 34 ? 5.414   3.230   -11.254 1.00 19.97 ? 34  LYS B NZ  1 
ATOM   616 N N   . LYS B 1 35 ? 1.362   4.986   -4.890  1.00 10.27 ? 35  LYS B N   1 
ATOM   617 C CA  . LYS B 1 35 ? 1.009   5.848   -3.772  1.00 12.37 ? 35  LYS B CA  1 
ATOM   618 C C   . LYS B 1 35 ? 2.106   5.756   -2.694  1.00 11.57 ? 35  LYS B C   1 
ATOM   619 O O   . LYS B 1 35 ? 2.537   6.767   -2.133  1.00 11.84 ? 35  LYS B O   1 
ATOM   620 C CB  . LYS B 1 35 ? -0.334  5.412   -3.199  1.00 17.24 ? 35  LYS B CB  1 
ATOM   621 C CG  . LYS B 1 35 ? -0.715  6.201   -1.982  1.00 27.78 ? 35  LYS B CG  1 
ATOM   622 C CD  . LYS B 1 35 ? -0.791  7.701   -2.375  1.00 37.46 ? 35  LYS B CD  1 
ATOM   623 C CE  . LYS B 1 35 ? -1.034  8.616   -1.169  1.00 40.89 ? 35  LYS B CE  1 
ATOM   624 N NZ  . LYS B 1 35 ? -1.501  9.960   -1.603  1.00 44.20 ? 35  LYS B NZ  1 
ATOM   625 N N   . LEU B 1 36 ? 2.624   4.564   -2.471  1.00 10.93 ? 36  LEU B N   1 
ATOM   626 C CA  . LEU B 1 36 ? 3.669   4.371   -1.454  1.00 11.26 ? 36  LEU B CA  1 
ATOM   627 C C   . LEU B 1 36 ? 4.924   5.154   -1.878  1.00 10.52 ? 36  LEU B C   1 
ATOM   628 O O   . LEU B 1 36 ? 5.543   5.821   -1.080  1.00 11.16 ? 36  LEU B O   1 
ATOM   629 C CB  . LEU B 1 36 ? 3.989   2.888   -1.340  1.00 12.47 ? 36  LEU B CB  1 
ATOM   630 C CG  . LEU B 1 36 ? 5.280   2.517   -0.595  1.00 15.55 ? 36  LEU B CG  1 
ATOM   631 C CD1 . LEU B 1 36 ? 5.131   2.920   0.883   1.00 19.78 ? 36  LEU B CD1 1 
ATOM   632 C CD2 . LEU B 1 36 ? 5.506   1.002   -0.762  1.00 13.04 ? 36  LEU B CD2 1 
ATOM   633 N N   . ALA B 1 37 ? 5.316   5.042   -3.137  1.00 10.62 ? 37  ALA B N   1 
ATOM   634 C CA  . ALA B 1 37 ? 6.475   5.789   -3.645  1.00 10.18 ? 37  ALA B CA  1 
ATOM   635 C C   . ALA B 1 37 ? 6.238   7.317   -3.420  1.00 10.20 ? 37  ALA B C   1 
ATOM   636 O O   . ALA B 1 37 ? 7.148   8.033   -2.994  1.00 10.46 ? 37  ALA B O   1 
ATOM   637 C CB  . ALA B 1 37 ? 6.660   5.500   -5.136  1.00 10.23 ? 37  ALA B CB  1 
ATOM   638 N N   . ALA B 1 38 ? 5.012   7.798   -3.719  1.00 8.53  ? 38  ALA B N   1 
ATOM   639 C CA  . ALA B 1 38 ? 4.660   9.190   -3.518  1.00 8.38  ? 38  ALA B CA  1 
ATOM   640 C C   . ALA B 1 38 ? 4.892   9.633   -2.064  1.00 9.52  ? 38  ALA B C   1 
ATOM   641 O O   . ALA B 1 38 ? 5.495   10.723  -1.802  1.00 9.28  ? 38  ALA B O   1 
ATOM   642 C CB  . ALA B 1 38 ? 3.225   9.425   -3.891  1.00 10.15 ? 38  ALA B CB  1 
ATOM   643 N N   . LEU B 1 39 ? 4.424   8.790   -1.121  1.00 8.72  ? 39  LEU B N   1 
ATOM   644 C CA  . LEU B 1 39 ? 4.546   9.144   0.295   1.00 8.83  ? 39  LEU B CA  1 
ATOM   645 C C   . LEU B 1 39 ? 6.002   9.180   0.717   1.00 9.30  ? 39  LEU B C   1 
ATOM   646 O O   . LEU B 1 39 ? 6.406   10.009  1.536   1.00 9.57  ? 39  LEU B O   1 
ATOM   647 C CB  . LEU B 1 39 ? 3.750   8.186   1.143   1.00 11.16 ? 39  LEU B CB  1 
ATOM   648 C CG  . LEU B 1 39 ? 2.241   8.199   0.949   1.00 12.05 ? 39  LEU B CG  1 
ATOM   649 C CD1 . LEU B 1 39 ? 1.695   7.067   1.868   1.00 13.46 ? 39  LEU B CD1 1 
ATOM   650 C CD2 . LEU B 1 39 ? 1.657   9.607   1.337   1.00 11.82 ? 39  LEU B CD2 1 
ATOM   651 N N   . LYS B 1 40 ? 6.791   8.269   0.180   1.00 9.25  ? 40  LYS B N   1 
ATOM   652 C CA  . LYS B 1 40 ? 8.227   8.242   0.503   1.00 9.89  ? 40  LYS B CA  1 
ATOM   653 C C   . LYS B 1 40 ? 8.870   9.540   0.013   1.00 10.36 ? 40  LYS B C   1 
ATOM   654 O O   . LYS B 1 40 ? 9.642   10.161  0.752   1.00 10.83 ? 40  LYS B O   1 
ATOM   655 C CB  . LYS B 1 40 ? 8.920   7.019   -0.090  1.00 10.67 ? 40  LYS B CB  1 
ATOM   656 C CG  . LYS B 1 40 ? 8.563   5.756   0.674   1.00 17.00 ? 40  LYS B CG  1 
ATOM   657 C CD  . LYS B 1 40 ? 9.101   4.483   0.044   1.00 20.80 ? 40  LYS B CD  1 
ATOM   658 C CE  . LYS B 1 40 ? 10.575  4.680   -0.260  1.00 28.28 ? 40  LYS B CE  1 
ATOM   659 N NZ  . LYS B 1 40 ? 11.356  3.421   -0.539  1.00 32.49 ? 40  LYS B NZ  1 
ATOM   660 N N   . SER B 1 41 ? 8.494   9.982   -1.194  1.00 8.81  ? 41  SER B N   1 
ATOM   661 C CA  . SER B 1 41 ? 9.018   11.225  -1.745  1.00 8.79  ? 41  SER B CA  1 
ATOM   662 C C   . SER B 1 41 ? 8.561   12.418  -0.906  1.00 9.83  ? 41  SER B C   1 
ATOM   663 O O   . SER B 1 41 ? 9.368   13.304  -0.618  1.00 9.58  ? 41  SER B O   1 
ATOM   664 C CB  . SER B 1 41 ? 8.598   11.416  -3.229  1.00 10.34 ? 41  SER B CB  1 
ATOM   665 O OG  . SER B 1 41 ? 9.242   10.451  -4.054  1.00 9.37  ? 41  SER B OG  1 
ATOM   666 N N   . LYS B 1 42 ? 7.284   12.423  -0.489  1.00 9.82  ? 42  LYS B N   1 
ATOM   667 C CA  . LYS B 1 42 ? 6.768   13.538  0.358   1.00 10.68 ? 42  LYS B CA  1 
ATOM   668 C C   . LYS B 1 42 ? 7.554   13.579  1.664   1.00 9.56  ? 42  LYS B C   1 
ATOM   669 O O   . LYS B 1 42 ? 7.982   14.647  2.104   1.00 9.97  ? 42  LYS B O   1 
ATOM   670 C CB  . LYS B 1 42 ? 5.296   13.401  0.685   1.00 13.45 ? 42  LYS B CB  1 
ATOM   671 C CG  . LYS B 1 42 ? 4.371   13.744  -0.480  1.00 21.78 ? 42  LYS B CG  1 
ATOM   672 C CD  . LYS B 1 42 ? 2.930   13.279  -0.182  1.00 28.19 ? 42  LYS B CD  1 
ATOM   673 C CE  . LYS B 1 42 ? 2.231   12.660  -1.399  1.00 28.41 ? 42  LYS B CE  1 
ATOM   674 N NZ  . LYS B 1 42 ? 0.831   12.444  -0.991  1.00 32.17 ? 42  LYS B NZ  1 
ATOM   675 N N   . LEU B 1 43 ? 7.800   12.410  2.235   1.00 9.40  ? 43  LEU B N   1 
ATOM   676 C CA  . LEU B 1 43 ? 8.615   12.372  3.453   1.00 10.22 ? 43  LEU B CA  1 
ATOM   677 C C   . LEU B 1 43 ? 10.038  12.928  3.179   1.00 11.02 ? 43  LEU B C   1 
ATOM   678 O O   . LEU B 1 43 ? 10.544  13.718  3.969   1.00 11.30 ? 43  LEU B O   1 
ATOM   679 C CB  . LEU B 1 43 ? 8.690   10.951  4.015   1.00 10.84 ? 43  LEU B CB  1 
ATOM   680 C CG  . LEU B 1 43 ? 9.578   10.804  5.256   1.00 11.23 ? 43  LEU B CG  1 
ATOM   681 C CD1 . LEU B 1 43 ? 9.148   11.739  6.331   1.00 12.17 ? 43  LEU B CD1 1 
ATOM   682 C CD2 . LEU B 1 43 ? 9.579   9.354   5.757   1.00 10.31 ? 43  LEU B CD2 1 
ATOM   683 N N   . GLN B 1 44 ? 10.653  12.578  2.038   1.00 10.39 ? 44  GLN B N   1 
ATOM   684 C CA  . GLN B 1 44 ? 12.006  13.088  1.750   1.00 10.77 ? 44  GLN B CA  1 
ATOM   685 C C   . GLN B 1 44 ? 11.924  14.599  1.600   1.00 11.87 ? 44  GLN B C   1 
ATOM   686 O O   . GLN B 1 44 ? 12.800  15.330  2.077   1.00 12.25 ? 44  GLN B O   1 
ATOM   687 C CB  . GLN B 1 44 ? 12.594  12.473  0.467   1.00 10.96 ? 44  GLN B CB  1 
ATOM   688 C CG  . GLN B 1 44 ? 13.070  11.039  0.610   1.00 13.94 ? 44  GLN B CG  1 
ATOM   689 C CD  . GLN B 1 44 ? 13.878  10.814  1.891   1.00 16.22 ? 44  GLN B CD  1 
ATOM   690 O OE1 . GLN B 1 44 ? 13.300  10.408  2.915   1.00 17.91 ? 44  GLN B OE1 1 
ATOM   691 N NE2 . GLN B 1 44 ? 15.200  11.083  1.860   1.00 16.89 ? 44  GLN B NE2 1 
ATOM   692 N N   . ALA B 1 45 ? 10.840  15.088  1.012   1.00 11.31 ? 45  ALA B N   1 
ATOM   693 C CA  . ALA B 1 45 ? 10.703  16.544  0.868   1.00 12.54 ? 45  ALA B CA  1 
ATOM   694 C C   . ALA B 1 45 ? 10.645  17.179  2.295   1.00 14.28 ? 45  ALA B C   1 
ATOM   695 O O   . ALA B 1 45 ? 11.250  18.235  2.534   1.00 15.11 ? 45  ALA B O   1 
ATOM   696 C CB  . ALA B 1 45 ? 9.436   16.903  0.066   1.00 9.58  ? 45  ALA B CB  1 
ATOM   697 N N   . LEU B 1 46 ? 9.925   16.542  3.229   1.00 14.34 ? 46  LEU B N   1 
ATOM   698 C CA  . LEU B 1 46 ? 9.834   17.086  4.585   1.00 14.76 ? 46  LEU B CA  1 
ATOM   699 C C   . LEU B 1 46 ? 11.191  17.115  5.233   1.00 14.80 ? 46  LEU B C   1 
ATOM   700 O O   . LEU B 1 46 ? 11.515  18.092  5.909   1.00 15.95 ? 46  LEU B O   1 
ATOM   701 C CB  . LEU B 1 46 ? 8.883   16.293  5.508   1.00 13.09 ? 46  LEU B CB  1 
ATOM   702 C CG  . LEU B 1 46 ? 7.441   16.220  5.134   1.00 14.65 ? 46  LEU B CG  1 
ATOM   703 C CD1 . LEU B 1 46 ? 6.754   15.488  6.292   1.00 15.85 ? 46  LEU B CD1 1 
ATOM   704 C CD2 . LEU B 1 46 ? 6.843   17.580  4.895   1.00 17.28 ? 46  LEU B CD2 1 
ATOM   705 N N   . LYS B 1 47 ? 12.008  16.088  5.042   1.00 14.36 ? 47  LYS B N   1 
ATOM   706 C CA  . LYS B 1 47 ? 13.326  16.091  5.657   1.00 16.06 ? 47  LYS B CA  1 
ATOM   707 C C   . LYS B 1 47 ? 14.109  17.266  5.101   1.00 18.96 ? 47  LYS B C   1 
ATOM   708 O O   . LYS B 1 47 ? 14.789  17.979  5.879   1.00 19.85 ? 47  LYS B O   1 
ATOM   709 C CB  . LYS B 1 47 ? 14.050  14.798  5.402   1.00 14.18 ? 47  LYS B CB  1 
ATOM   710 C CG  . LYS B 1 47 ? 13.350  13.667  6.067   1.00 12.44 ? 47  LYS B CG  1 
ATOM   711 C CD  . LYS B 1 47 ? 14.127  12.425  5.831   1.00 10.96 ? 47  LYS B CD  1 
ATOM   712 C CE  . LYS B 1 47 ? 13.319  11.227  6.159   1.00 11.13 ? 47  LYS B CE  1 
ATOM   713 N NZ  . LYS B 1 47 ? 14.002  9.969   5.685   1.00 10.30 ? 47  LYS B NZ  1 
ATOM   714 N N   . GLY B 1 48 ? 13.949  17.531  3.788   1.00 18.49 ? 48  GLY B N   1 
ATOM   715 C CA  . GLY B 1 48 ? 14.637  18.651  3.166   1.00 19.34 ? 48  GLY B CA  1 
ATOM   716 C C   . GLY B 1 48 ? 14.126  20.035  3.570   1.00 19.84 ? 48  GLY B C   1 
ATOM   717 O O   . GLY B 1 48 ? 13.122  20.200  4.333   1.00 21.37 ? 48  GLY B O   1 
ATOM   718 O OXT . GLY B 1 48 ? 14.730  21.002  3.089   1.00 19.98 ? 48  GLY B OXT 1 
HETATM 719 S S   . SO4 C 2 .  ? -5.505  9.103   -2.965  0.33 42.78 ? 201 SO4 B S   1 
HETATM 720 O O2  . SO4 C 2 .  ? -5.886  9.586   -1.690  1.00 44.28 ? 201 SO4 B O2  1 
HETATM 721 O O4  . SO4 C 2 .  ? -6.352  8.016   -3.352  0.33 45.18 ? 201 SO4 B O4  1 
HETATM 722 C C1  . TFA D 3 .  ? 5.871   -3.761  0.477   1.00 39.58 ? 200 TFA B C1  1 
HETATM 723 C C2  . TFA D 3 .  ? 5.190   -4.322  1.769   1.00 38.94 ? 200 TFA B C2  1 
HETATM 724 O O   . TFA D 3 .  ? 6.150   -4.557  -0.510  1.00 40.32 ? 200 TFA B O   1 
HETATM 725 F F1  . TFA D 3 .  ? 3.925   -4.048  1.968   1.00 39.17 ? 200 TFA B F1  1 
HETATM 726 F F2  . TFA D 3 .  ? 5.188   -5.648  1.636   1.00 40.64 ? 200 TFA B F2  1 
HETATM 727 F F3  . TFA D 3 .  ? 5.751   -4.100  3.060   1.00 35.06 ? 200 TFA B F3  1 
HETATM 728 O OXT . TFA D 3 .  ? 6.090   -2.568  0.440   1.00 40.92 ? 200 TFA B OXT 1 
HETATM 729 O O   . HOH E 4 .  ? 13.930  8.266   9.687   1.00 10.45 ? 101 HOH A O   1 
HETATM 730 O O   . HOH E 4 .  ? 5.260   13.919  17.664  1.00 13.32 ? 102 HOH A O   1 
HETATM 731 O O   . HOH E 4 .  ? 9.406   2.455   14.516  1.00 15.39 ? 104 HOH A O   1 
HETATM 732 O O   . HOH E 4 .  ? 5.551   14.011  14.924  1.00 12.70 ? 105 HOH A O   1 
HETATM 733 O O   . HOH E 4 .  ? 1.161   3.516   11.527  1.00 25.47 ? 107 HOH A O   1 
HETATM 734 O O   . HOH E 4 .  ? 10.599  15.894  19.853  1.00 19.04 ? 108 HOH A O   1 
HETATM 735 O O   . HOH E 4 .  ? 4.903   6.484   16.724  1.00 10.21 ? 110 HOH A O   1 
HETATM 736 O O   . HOH E 4 .  ? 12.963  7.479   18.988  1.00 33.02 ? 111 HOH A O   1 
HETATM 737 O O   . HOH E 4 .  ? 3.382   20.798  13.155  1.00 12.97 ? 112 HOH A O   1 
HETATM 738 O O   . HOH E 4 .  ? 2.572   15.880  4.674   1.00 13.81 ? 113 HOH A O   1 
HETATM 739 O O   . HOH E 4 .  ? 0.491   -2.537  7.388   1.00 14.64 ? 115 HOH A O   1 
HETATM 740 O O   . HOH E 4 .  ? 2.352   11.273  12.721  1.00 10.31 ? 116 HOH A O   1 
HETATM 741 O O   . HOH E 4 .  ? 2.682   21.028  15.715  1.00 11.95 ? 117 HOH A O   1 
HETATM 742 O O   . HOH E 4 .  ? 3.006   13.661  13.850  1.00 10.57 ? 118 HOH A O   1 
HETATM 743 O O   . HOH E 4 .  ? 3.978   9.313   11.826  1.00 14.51 ? 120 HOH A O   1 
HETATM 744 O O   . HOH E 4 .  ? -0.856  -3.830  5.593   1.00 29.71 ? 124 HOH A O   1 
HETATM 745 O O   . HOH E 4 .  ? 9.024   13.857  20.656  1.00 10.46 ? 128 HOH A O   1 
HETATM 746 O O   . HOH E 4 .  ? -3.520  -3.666  5.274   1.00 12.86 ? 129 HOH A O   1 
HETATM 747 O O   . HOH E 4 .  ? 4.603   19.918  9.911   1.00 16.04 ? 130 HOH A O   1 
HETATM 748 O O   . HOH E 4 .  ? -3.310  16.618  12.849  1.00 15.35 ? 131 HOH A O   1 
HETATM 749 O O   . HOH E 4 .  ? 8.384   2.606   -2.767  1.00 19.40 ? 134 HOH A O   1 
HETATM 750 O O   . HOH E 4 .  ? 11.788  3.739   5.979   1.00 10.57 ? 135 HOH A O   1 
HETATM 751 O O   . HOH E 4 .  ? -5.004  -12.075 0.029   1.00 25.29 ? 138 HOH A O   1 
HETATM 752 O O   . HOH E 4 .  ? 3.117   4.926   10.321  1.00 21.69 ? 139 HOH A O   1 
HETATM 753 O O   . HOH E 4 .  ? 0.780   7.183   17.321  1.00 23.59 ? 140 HOH A O   1 
HETATM 754 O O   . HOH E 4 .  ? -8.622  -7.602  4.194   1.00 14.28 ? 143 HOH A O   1 
HETATM 755 O O   . HOH E 4 .  ? 10.859  1.951   1.896   1.00 20.10 ? 144 HOH A O   1 
HETATM 756 O O   . HOH E 4 .  ? -1.240  12.979  15.180  1.00 25.22 ? 148 HOH A O   1 
HETATM 757 O O   . HOH E 4 .  ? -13.696 -10.510 1.533   1.00 27.80 ? 150 HOH A O   1 
HETATM 758 O O   . HOH E 4 .  ? 1.551   -0.250  13.808  1.00 13.69 ? 151 HOH A O   1 
HETATM 759 O O   . HOH E 4 .  ? 12.245  6.488   3.442   1.00 21.08 ? 152 HOH A O   1 
HETATM 760 O O   . HOH E 4 .  ? -7.695  -12.523 -0.113  1.00 18.85 ? 153 HOH A O   1 
HETATM 761 O O   . HOH E 4 .  ? -4.368  -3.425  7.790   1.00 17.59 ? 154 HOH A O   1 
HETATM 762 O O   . HOH E 4 .  ? 3.037   6.893   12.669  1.00 20.72 ? 155 HOH A O   1 
HETATM 763 O O   . HOH E 4 .  ? 10.955  0.305   13.389  1.00 19.72 ? 157 HOH A O   1 
HETATM 764 O O   . HOH E 4 .  ? 5.270   4.207   18.281  1.00 20.76 ? 159 HOH A O   1 
HETATM 765 O O   . HOH E 4 .  ? 10.670  4.151   3.339   1.00 21.40 ? 161 HOH A O   1 
HETATM 766 O O   . HOH E 4 .  ? 9.417   0.585   -1.348  1.00 38.92 ? 164 HOH A O   1 
HETATM 767 O O   . HOH E 4 .  ? 11.612  3.308   16.634  1.00 33.58 ? 165 HOH A O   1 
HETATM 768 O O   . HOH E 4 .  ? 1.989   22.878  11.743  1.00 16.17 ? 167 HOH A O   1 
HETATM 769 O O   . HOH E 4 .  ? -4.863  1.251   8.878   1.00 19.79 ? 170 HOH A O   1 
HETATM 770 O O   . HOH E 4 .  ? -3.634  12.631  11.208  1.00 14.69 ? 172 HOH A O   1 
HETATM 771 O O   . HOH E 4 .  ? 11.502  -3.862  4.381   1.00 26.95 ? 173 HOH A O   1 
HETATM 772 O O   . HOH E 4 .  ? 1.034   14.497  15.543  1.00 19.56 ? 178 HOH A O   1 
HETATM 773 O O   . HOH E 4 .  ? -0.067  16.692  15.034  1.00 25.54 ? 179 HOH A O   1 
HETATM 774 O O   . HOH E 4 .  ? -3.060  7.279   0.651   1.00 22.91 ? 180 HOH A O   1 
HETATM 775 O O   . HOH E 4 .  ? 9.938   4.118   -3.915  1.00 20.17 ? 181 HOH A O   1 
HETATM 776 O O   . HOH E 4 .  ? 0.793   18.944  16.491  1.00 22.09 ? 182 HOH A O   1 
HETATM 777 O O   . HOH E 4 .  ? -3.428  14.656  14.746  1.00 29.88 ? 183 HOH A O   1 
HETATM 778 O O   . HOH F 4 .  ? -3.588  -9.125  -14.736 1.00 14.97 ? 103 HOH B O   1 
HETATM 779 O O   . HOH F 4 .  ? 11.256  8.928   2.384   1.00 15.49 ? 106 HOH B O   1 
HETATM 780 O O   . HOH F 4 .  ? -5.794  -13.914 -14.131 1.00 9.81  ? 109 HOH B O   1 
HETATM 781 O O   . HOH F 4 .  ? -11.542 -6.783  -9.600  1.00 21.16 ? 114 HOH B O   1 
HETATM 782 O O   . HOH F 4 .  ? -5.411  -11.318 -14.955 1.00 8.72  ? 119 HOH B O   1 
HETATM 783 O O   . HOH F 4 .  ? -4.195  -6.128  4.379   1.00 11.66 ? 121 HOH B O   1 
HETATM 784 O O   . HOH F 4 .  ? 16.967  16.636  2.805   1.00 20.43 ? 122 HOH B O   1 
HETATM 785 O O   . HOH F 4 .  ? 9.721   7.032   -3.736  1.00 12.89 ? 123 HOH B O   1 
HETATM 786 O O   . HOH F 4 .  ? 0.658   -8.988  -8.874  1.00 28.18 ? 125 HOH B O   1 
HETATM 787 O O   . HOH F 4 .  ? 15.324  14.691  2.012   1.00 17.00 ? 126 HOH B O   1 
HETATM 788 O O   . HOH F 4 .  ? -5.834  1.200   -5.547  1.00 24.31 ? 127 HOH B O   1 
HETATM 789 O O   . HOH F 4 .  ? -8.756  -20.778 -12.640 1.00 22.67 ? 132 HOH B O   1 
HETATM 790 O O   . HOH F 4 .  ? 2.152   -14.451 -12.603 1.00 16.72 ? 133 HOH B O   1 
HETATM 791 O O   . HOH F 4 .  ? 16.236  20.950  1.017   1.00 21.01 ? 136 HOH B O   1 
HETATM 792 O O   . HOH F 4 .  ? -10.732 -17.918 -16.622 1.00 16.39 ? 137 HOH B O   1 
HETATM 793 O O   . HOH F 4 .  ? -0.300  -20.853 -9.333  1.00 18.44 ? 141 HOH B O   1 
HETATM 794 O O   . HOH F 4 .  ? 3.482   -15.890 -6.711  1.00 24.31 ? 142 HOH B O   1 
HETATM 795 O O   . HOH F 4 .  ? 9.516   20.744  3.320   1.00 28.92 ? 145 HOH B O   1 
HETATM 796 O O   . HOH F 4 .  ? 6.362   -9.358  -4.696  1.00 34.48 ? 146 HOH B O   1 
HETATM 797 O O   . HOH F 4 .  ? 6.272   1.494   -4.363  1.00 14.15 ? 147 HOH B O   1 
HETATM 798 O O   . HOH F 4 .  ? 11.802  8.260   -2.214  1.00 17.87 ? 149 HOH B O   1 
HETATM 799 O O   . HOH F 4 .  ? -11.353 -4.152  -8.546  1.00 36.61 ? 156 HOH B O   1 
HETATM 800 O O   . HOH F 4 .  ? 16.622  18.298  0.591   1.00 13.91 ? 158 HOH B O   1 
HETATM 801 O O   . HOH F 4 .  ? -12.791 -11.870 -14.588 1.00 14.98 ? 160 HOH B O   1 
HETATM 802 O O   . HOH F 4 .  ? -2.213  -7.896  3.952   1.00 25.37 ? 162 HOH B O   1 
HETATM 803 O O   . HOH F 4 .  ? 16.222  13.712  -0.216  1.00 21.79 ? 163 HOH B O   1 
HETATM 804 O O   . HOH F 4 .  ? 12.786  7.346   0.377   1.00 25.75 ? 166 HOH B O   1 
HETATM 805 O O   . HOH F 4 .  ? -12.000 -17.587 -13.241 1.00 23.07 ? 168 HOH B O   1 
HETATM 806 O O   . HOH F 4 .  ? -11.308 -9.903  -21.946 1.00 26.88 ? 169 HOH B O   1 
HETATM 807 O O   . HOH F 4 .  ? -5.445  -2.851  -15.655 1.00 26.42 ? 171 HOH B O   1 
HETATM 808 O O   . HOH F 4 .  ? -14.761 -13.788 -11.326 1.00 34.84 ? 174 HOH B O   1 
HETATM 809 O O   . HOH F 4 .  ? 5.329   -4.973  -3.875  1.00 35.34 ? 175 HOH B O   1 
HETATM 810 O O   . HOH F 4 .  ? 6.420   -19.472 -12.477 1.00 28.03 ? 176 HOH B O   1 
HETATM 811 O O   . HOH F 4 .  ? -3.391  -5.351  -15.005 1.00 28.83 ? 177 HOH B O   1 
HETATM 812 O O   . HOH F 4 .  ? 7.259   1.768   -7.043  1.00 27.17 ? 184 HOH B O   1 
HETATM 813 O O   . HOH F 4 .  ? 0.139   -6.238  4.963   1.00 20.86 ? 185 HOH B O   1 
# 
